data_3FMO
#
_entry.id   3FMO
#
_cell.length_a   59.484
_cell.length_b   115.392
_cell.length_c   143.461
_cell.angle_alpha   90.00
_cell.angle_beta   90.00
_cell.angle_gamma   90.00
#
_symmetry.space_group_name_H-M   'P 21 21 21'
#
loop_
_entity.id
_entity.type
_entity.pdbx_description
1 polymer 'Nuclear pore complex protein Nup214'
2 polymer 'ATP-dependent RNA helicase DDX19B'
3 non-polymer GLYCEROL
4 non-polymer "ADENOSINE-5'-DIPHOSPHATE"
5 water water
#
loop_
_entity_poly.entity_id
_entity_poly.type
_entity_poly.pdbx_seq_one_letter_code
_entity_poly.pdbx_strand_id
1 'polypeptide(L)'
;MGDEMDAMIPEREMKDFQFRALKKVRIFDSPEELPKERSSLLAVSNKYGLVFAGGASGLQIFPTKNLLIQNKPGDDPNKI
VDKVQGLLVPMKFPIHHLALSCDNLTLSACMMSSEYGSIIAFFDVRTFSNEAKQQKRPFAYHKLLKDAGGMVIDMKWNPT
VPSMVAVCLADGSIAVLQVTETVKVCATLPSTVAVTSVCWSPKGKQLAVGKQNGTVVQYLPTLQEKKVIPCPPFYESDHP
VRVLDVLWIGTYVFAIVYAAADGTLETSPDVVMALLPKKEEKHPEIFVNFMEPCYGSCTERQHHYYLSYIEEWDLVLAAS
AASTEVSILARQSDQINWESWLLEDSSRAELPVTDKSDDSLPMGVVVDYTNQVEITISDEKTLPPAPVLMLLSTDGVLCP
FYMINQNPGVKSLIKTPERLSLEGERQPKSPGSTPTTPTSSQAPQKLDAS
;
A
2 'polypeptide(L)'
;MATDSWALAVDEQEAAAESLSNLHLKEEKIKPDTNGAVVKTNANAEKTDEEEKEDRAAQSLLNKLIRSNLVDNTNQVEVL
QRDPNSPLYSVKSFEELRLKPQLLQGVYAMGFNRPSKIQENALPLMLAEPPQNLIAQSQSGTGKTAAFVLAMLSQVEPAN
KYPQCLCLSPTYELALQTGKVIEQMGKFYPELKLAYAVRGNKLERGQKISEQIVIGTPGTVLDWCSKLKFIDPKKIKVFV
LDEADVMIATQGHQDQSIRIQRMLPRNCQMLLFSATFEDSVWKFAQKVVPDPNVIKLKRE
;
B
#
# COMPACT_ATOMS: atom_id res chain seq x y z
N MET A 8 6.05 -3.92 23.32
CA MET A 8 4.59 -3.95 23.05
C MET A 8 4.30 -4.82 21.79
N ILE A 9 3.96 -4.20 20.64
CA ILE A 9 3.78 -4.93 19.36
C ILE A 9 5.14 -5.41 18.85
N PRO A 10 5.33 -6.73 18.66
CA PRO A 10 6.62 -7.23 18.14
C PRO A 10 6.88 -6.95 16.66
N GLU A 11 8.07 -6.44 16.36
CA GLU A 11 8.45 -5.93 15.04
C GLU A 11 9.89 -6.27 14.71
N ARG A 12 10.24 -6.29 13.43
CA ARG A 12 11.52 -6.83 13.00
C ARG A 12 11.89 -6.39 11.60
N GLU A 13 13.01 -5.69 11.48
CA GLU A 13 13.56 -5.33 10.18
C GLU A 13 13.88 -6.61 9.42
N MET A 14 13.20 -6.80 8.32
CA MET A 14 13.37 -7.97 7.50
C MET A 14 14.09 -7.50 6.25
N LYS A 15 15.34 -7.90 6.07
CA LYS A 15 16.07 -7.59 4.84
C LYS A 15 16.02 -8.75 3.83
N ASP A 16 15.45 -9.88 4.24
CA ASP A 16 15.35 -11.05 3.36
C ASP A 16 13.96 -11.21 2.71
N PHE A 17 13.12 -10.18 2.82
CA PHE A 17 11.88 -10.14 2.06
C PHE A 17 11.72 -8.80 1.39
N GLN A 18 11.42 -8.80 0.10
CA GLN A 18 11.00 -7.59 -0.58
C GLN A 18 9.84 -7.84 -1.51
N PHE A 19 8.96 -6.82 -1.60
CA PHE A 19 7.94 -6.73 -2.62
C PHE A 19 8.56 -5.93 -3.72
N ARG A 20 8.51 -6.47 -4.93
CA ARG A 20 9.08 -5.82 -6.11
C ARG A 20 8.01 -5.54 -7.16
N ALA A 21 7.72 -4.25 -7.38
CA ALA A 21 6.64 -3.82 -8.25
C ALA A 21 6.90 -4.15 -9.72
N LEU A 22 5.88 -4.75 -10.34
CA LEU A 22 5.74 -4.83 -11.78
C LEU A 22 4.94 -3.62 -12.24
N LYS A 23 4.88 -3.37 -13.54
CA LYS A 23 4.09 -2.25 -14.05
C LYS A 23 2.65 -2.33 -13.55
N LYS A 24 2.03 -1.17 -13.29
CA LYS A 24 0.62 -1.08 -12.89
C LYS A 24 -0.20 -1.11 -14.13
N VAL A 25 -1.32 -1.83 -14.09
CA VAL A 25 -2.14 -2.01 -15.29
C VAL A 25 -3.60 -1.63 -15.07
N ARG A 26 -4.09 -0.71 -15.90
CA ARG A 26 -5.47 -0.27 -15.76
C ARG A 26 -6.43 -1.33 -16.28
N ILE A 27 -7.43 -1.60 -15.45
CA ILE A 27 -8.43 -2.58 -15.78
C ILE A 27 -9.75 -1.90 -16.03
N PHE A 28 -10.21 -1.10 -15.07
CA PHE A 28 -11.42 -0.35 -15.26
C PHE A 28 -11.10 1.10 -15.24
N ASP A 29 -12.02 1.89 -15.76
CA ASP A 29 -11.86 3.32 -15.78
C ASP A 29 -12.10 3.85 -14.41
N SER A 30 -11.37 4.90 -14.10
CA SER A 30 -11.44 5.54 -12.84
C SER A 30 -12.86 5.93 -12.48
N PRO A 31 -13.27 5.70 -11.22
CA PRO A 31 -14.64 6.06 -10.89
C PRO A 31 -14.78 7.53 -10.58
N GLU A 32 -16.02 7.98 -10.54
CA GLU A 32 -16.37 9.37 -10.23
C GLU A 32 -16.20 9.63 -8.74
N GLU A 33 -16.68 8.71 -7.92
CA GLU A 33 -16.58 8.80 -6.48
C GLU A 33 -15.74 7.64 -5.96
N LEU A 34 -15.22 7.81 -4.75
CA LEU A 34 -14.57 6.73 -4.01
C LEU A 34 -15.58 5.65 -3.60
N PRO A 35 -15.38 4.40 -4.09
CA PRO A 35 -16.19 3.24 -3.69
C PRO A 35 -16.09 2.93 -2.20
N LYS A 36 -17.19 3.00 -1.47
CA LYS A 36 -17.15 2.95 -0.01
C LYS A 36 -17.45 1.58 0.61
N GLU A 37 -18.28 0.80 -0.05
CA GLU A 37 -18.78 -0.43 0.55
C GLU A 37 -17.79 -1.57 0.54
N ARG A 38 -17.96 -2.41 1.54
CA ARG A 38 -17.20 -3.62 1.64
C ARG A 38 -17.34 -4.43 0.37
N SER A 39 -16.22 -4.83 -0.19
CA SER A 39 -16.21 -5.48 -1.48
C SER A 39 -14.98 -6.38 -1.58
N SER A 40 -15.04 -7.34 -2.51
CA SER A 40 -13.90 -8.21 -2.82
C SER A 40 -13.96 -8.60 -4.30
N LEU A 41 -13.13 -7.96 -5.13
CA LEU A 41 -13.38 -7.95 -6.55
C LEU A 41 -12.27 -8.62 -7.38
N LEU A 42 -11.29 -9.24 -6.73
CA LEU A 42 -10.28 -10.02 -7.45
C LEU A 42 -10.38 -11.50 -7.09
N ALA A 43 -10.41 -12.38 -8.11
CA ALA A 43 -10.21 -13.80 -7.90
C ALA A 43 -9.15 -14.34 -8.85
N VAL A 44 -8.51 -15.45 -8.47
CA VAL A 44 -7.43 -16.00 -9.26
C VAL A 44 -7.53 -17.51 -9.40
N SER A 45 -7.53 -18.04 -10.62
CA SER A 45 -7.36 -19.49 -10.80
C SER A 45 -5.90 -19.81 -10.91
N ASN A 46 -5.37 -20.46 -9.86
CA ASN A 46 -3.97 -20.90 -9.87
C ASN A 46 -3.79 -22.26 -10.53
N LYS A 47 -4.90 -22.96 -10.73
CA LYS A 47 -4.88 -24.18 -11.50
C LYS A 47 -4.69 -23.90 -12.98
N TYR A 48 -5.42 -22.91 -13.50
CA TYR A 48 -5.44 -22.63 -14.93
C TYR A 48 -4.83 -21.31 -15.38
N GLY A 49 -4.42 -20.46 -14.45
CA GLY A 49 -3.78 -19.18 -14.81
C GLY A 49 -4.72 -18.09 -15.31
N LEU A 50 -5.83 -17.92 -14.62
CA LEU A 50 -6.74 -16.87 -14.98
C LEU A 50 -6.90 -15.94 -13.80
N VAL A 51 -7.14 -14.67 -14.10
CA VAL A 51 -7.53 -13.71 -13.08
C VAL A 51 -8.93 -13.18 -13.37
N PHE A 52 -9.75 -13.05 -12.34
CA PHE A 52 -11.10 -12.50 -12.50
C PHE A 52 -11.26 -11.20 -11.78
N ALA A 53 -11.52 -10.14 -12.54
CA ALA A 53 -11.72 -8.79 -11.98
C ALA A 53 -13.15 -8.30 -12.23
N GLY A 54 -13.74 -7.67 -11.23
CA GLY A 54 -15.11 -7.16 -11.35
C GLY A 54 -15.27 -5.75 -10.86
N GLY A 55 -16.21 -5.04 -11.43
CA GLY A 55 -16.61 -3.77 -10.87
C GLY A 55 -18.03 -3.46 -11.19
N ALA A 56 -18.32 -2.17 -11.15
CA ALA A 56 -19.64 -1.59 -11.40
C ALA A 56 -20.09 -1.76 -12.83
N SER A 57 -19.17 -2.26 -13.66
CA SER A 57 -19.10 -1.99 -15.08
C SER A 57 -18.77 -3.27 -15.87
N GLY A 58 -19.17 -4.44 -15.35
CA GLY A 58 -18.82 -5.72 -15.98
C GLY A 58 -17.82 -6.58 -15.24
N LEU A 59 -17.57 -7.75 -15.81
CA LEU A 59 -16.61 -8.70 -15.29
C LEU A 59 -15.55 -8.95 -16.34
N GLN A 60 -14.29 -8.97 -15.93
CA GLN A 60 -13.16 -9.11 -16.84
C GLN A 60 -12.23 -10.25 -16.47
N ILE A 61 -11.99 -11.14 -17.43
CA ILE A 61 -11.16 -12.31 -17.22
C ILE A 61 -9.86 -12.22 -18.02
N PHE A 62 -8.71 -12.45 -17.39
CA PHE A 62 -7.43 -12.41 -18.11
C PHE A 62 -6.62 -13.64 -17.86
N PRO A 63 -5.89 -14.11 -18.86
CA PRO A 63 -4.75 -14.95 -18.60
C PRO A 63 -3.80 -14.20 -17.68
N THR A 64 -3.39 -14.81 -16.60
CA THR A 64 -2.63 -14.10 -15.59
C THR A 64 -1.36 -13.47 -16.20
N LYS A 65 -0.60 -14.21 -17.02
CA LYS A 65 0.66 -13.66 -17.56
C LYS A 65 0.54 -12.37 -18.39
N ASN A 66 -0.64 -12.14 -18.93
CA ASN A 66 -0.95 -10.89 -19.63
C ASN A 66 -1.00 -9.69 -18.71
N LEU A 67 -1.34 -9.90 -17.46
CA LEU A 67 -1.42 -8.81 -16.51
C LEU A 67 -0.05 -8.52 -15.93
N LEU A 68 0.90 -9.44 -16.06
CA LEU A 68 2.21 -9.25 -15.44
C LEU A 68 3.25 -8.75 -16.42
N ILE A 69 3.69 -7.51 -16.24
CA ILE A 69 4.71 -6.88 -17.10
C ILE A 69 5.79 -6.23 -16.23
N GLN A 70 7.03 -6.64 -16.49
CA GLN A 70 8.15 -6.19 -15.68
C GLN A 70 8.65 -4.86 -16.17
N ASN A 71 9.09 -4.03 -15.23
CA ASN A 71 9.79 -2.81 -15.58
C ASN A 71 11.10 -3.14 -16.32
N LYS A 72 11.37 -2.40 -17.39
CA LYS A 72 12.67 -2.43 -18.04
C LYS A 72 13.40 -1.20 -17.55
N PRO A 73 14.75 -1.27 -17.43
CA PRO A 73 15.55 -0.06 -17.15
C PRO A 73 15.33 1.03 -18.22
N GLY A 74 15.05 2.25 -17.78
CA GLY A 74 14.65 3.33 -18.67
C GLY A 74 13.19 3.71 -18.45
N ASP A 75 12.36 2.71 -18.13
CA ASP A 75 10.90 2.92 -18.04
C ASP A 75 10.53 3.62 -16.76
N ASP A 76 9.48 4.43 -16.85
CA ASP A 76 8.90 5.03 -15.67
C ASP A 76 8.12 3.96 -14.90
N PRO A 77 8.60 3.60 -13.71
CA PRO A 77 7.91 2.57 -12.93
C PRO A 77 6.56 3.03 -12.42
N ASN A 78 6.24 4.30 -12.59
CA ASN A 78 4.98 4.85 -12.14
C ASN A 78 3.98 5.02 -13.32
N LYS A 79 4.40 4.70 -14.54
CA LYS A 79 3.50 4.81 -15.69
C LYS A 79 2.54 3.63 -15.76
N ILE A 80 1.23 3.90 -15.85
CA ILE A 80 0.19 2.86 -15.87
C ILE A 80 -0.06 2.37 -17.29
N VAL A 81 0.03 1.06 -17.52
CA VAL A 81 -0.33 0.47 -18.81
C VAL A 81 -1.83 0.59 -18.99
N ASP A 82 -2.24 0.94 -20.20
CA ASP A 82 -3.61 1.39 -20.39
C ASP A 82 -4.65 0.28 -20.46
N LYS A 83 -4.36 -0.73 -21.26
CA LYS A 83 -5.15 -1.93 -21.20
C LYS A 83 -4.30 -3.06 -21.65
N VAL A 84 -4.84 -4.25 -21.47
CA VAL A 84 -4.17 -5.47 -21.74
C VAL A 84 -5.30 -6.35 -22.19
N GLN A 85 -5.04 -7.30 -23.07
CA GLN A 85 -6.11 -8.08 -23.66
C GLN A 85 -6.70 -9.07 -22.65
N GLY A 86 -8.02 -9.03 -22.51
CA GLY A 86 -8.75 -10.01 -21.71
C GLY A 86 -10.14 -10.06 -22.29
N LEU A 87 -11.09 -10.59 -21.53
CA LEU A 87 -12.43 -10.83 -21.99
C LEU A 87 -13.37 -10.04 -21.09
N LEU A 88 -14.28 -9.29 -21.70
CA LEU A 88 -15.29 -8.57 -20.98
C LEU A 88 -16.58 -9.36 -21.08
N VAL A 89 -17.17 -9.66 -19.92
CA VAL A 89 -18.47 -10.29 -19.84
C VAL A 89 -19.46 -9.25 -19.30
N PRO A 90 -20.35 -8.76 -20.15
CA PRO A 90 -21.19 -7.72 -19.61
C PRO A 90 -22.08 -8.19 -18.49
N MET A 91 -22.26 -7.32 -17.50
CA MET A 91 -23.14 -7.57 -16.37
C MET A 91 -24.11 -6.42 -16.21
N LYS A 92 -25.38 -6.79 -16.08
CA LYS A 92 -26.47 -5.85 -15.95
C LYS A 92 -26.38 -5.03 -14.70
N PHE A 93 -25.77 -5.55 -13.64
CA PHE A 93 -25.63 -4.80 -12.39
C PHE A 93 -24.19 -4.85 -11.89
N PRO A 94 -23.84 -3.93 -10.97
CA PRO A 94 -22.51 -3.89 -10.35
C PRO A 94 -22.24 -5.06 -9.46
N ILE A 95 -20.97 -5.47 -9.42
CA ILE A 95 -20.51 -6.63 -8.68
C ILE A 95 -19.84 -6.15 -7.41
N HIS A 96 -20.13 -6.78 -6.27
CA HIS A 96 -19.44 -6.41 -5.03
C HIS A 96 -18.57 -7.51 -4.48
N HIS A 97 -18.78 -8.73 -4.95
CA HIS A 97 -17.98 -9.83 -4.51
C HIS A 97 -17.81 -10.82 -5.66
N LEU A 98 -16.59 -11.32 -5.79
CA LEU A 98 -16.24 -12.37 -6.73
C LEU A 98 -15.51 -13.43 -5.93
N ALA A 99 -15.75 -14.69 -6.20
CA ALA A 99 -14.94 -15.74 -5.60
C ALA A 99 -14.91 -16.95 -6.50
N LEU A 100 -13.95 -17.84 -6.25
CA LEU A 100 -13.73 -19.04 -7.04
C LEU A 100 -13.70 -20.30 -6.13
N SER A 101 -14.38 -21.35 -6.56
CA SER A 101 -14.32 -22.66 -5.88
C SER A 101 -12.94 -23.29 -5.95
N CYS A 102 -12.72 -24.28 -5.08
CA CYS A 102 -11.41 -24.85 -4.91
C CYS A 102 -11.00 -25.72 -6.09
N ASP A 103 -11.94 -26.27 -6.87
CA ASP A 103 -11.57 -26.91 -8.17
C ASP A 103 -11.36 -25.90 -9.33
N ASN A 104 -11.53 -24.61 -9.04
CA ASN A 104 -11.36 -23.54 -10.04
C ASN A 104 -12.36 -23.60 -11.21
N LEU A 105 -13.50 -24.26 -11.05
CA LEU A 105 -14.49 -24.35 -12.11
C LEU A 105 -15.77 -23.54 -11.85
N THR A 106 -15.95 -22.97 -10.65
CA THR A 106 -17.13 -22.12 -10.37
C THR A 106 -16.75 -20.74 -9.84
N LEU A 107 -17.06 -19.71 -10.64
CA LEU A 107 -16.93 -18.32 -10.22
C LEU A 107 -18.28 -17.84 -9.74
N SER A 108 -18.29 -17.30 -8.53
CA SER A 108 -19.49 -16.67 -7.99
C SER A 108 -19.34 -15.16 -8.16
N ALA A 109 -20.39 -14.50 -8.62
CA ALA A 109 -20.39 -13.05 -8.75
C ALA A 109 -21.61 -12.50 -8.01
N CYS A 110 -21.39 -11.65 -7.03
CA CYS A 110 -22.47 -11.08 -6.26
C CYS A 110 -22.83 -9.67 -6.73
N MET A 111 -24.12 -9.43 -6.98
CA MET A 111 -24.58 -8.17 -7.50
C MET A 111 -25.73 -7.61 -6.68
N MET A 112 -25.76 -6.30 -6.61
CA MET A 112 -26.91 -5.61 -6.04
C MET A 112 -27.62 -4.88 -7.18
N SER A 113 -28.93 -5.10 -7.25
CA SER A 113 -29.83 -4.33 -8.11
C SER A 113 -30.75 -3.50 -7.18
N SER A 114 -30.84 -2.19 -7.42
CA SER A 114 -31.75 -1.35 -6.64
C SER A 114 -33.19 -1.85 -6.78
N GLU A 115 -33.59 -2.22 -8.00
CA GLU A 115 -34.92 -2.80 -8.25
C GLU A 115 -35.15 -4.16 -7.58
N TYR A 116 -34.27 -5.12 -7.90
CA TYR A 116 -34.48 -6.50 -7.53
C TYR A 116 -33.69 -7.00 -6.27
N GLY A 117 -32.85 -6.16 -5.67
CA GLY A 117 -31.98 -6.63 -4.56
C GLY A 117 -30.80 -7.46 -5.07
N SER A 118 -30.32 -8.39 -4.25
CA SER A 118 -29.07 -9.07 -4.52
C SER A 118 -29.26 -10.41 -5.22
N ILE A 119 -28.27 -10.78 -6.03
CA ILE A 119 -28.26 -12.11 -6.62
C ILE A 119 -26.83 -12.58 -6.77
N ILE A 120 -26.64 -13.87 -6.56
CA ILE A 120 -25.35 -14.44 -6.86
C ILE A 120 -25.47 -15.14 -8.18
N ALA A 121 -24.61 -14.79 -9.12
CA ALA A 121 -24.54 -15.52 -10.38
C ALA A 121 -23.40 -16.50 -10.22
N PHE A 122 -23.58 -17.68 -10.79
CA PHE A 122 -22.54 -18.70 -10.78
C PHE A 122 -22.17 -19.01 -12.22
N PHE A 123 -20.88 -18.87 -12.53
CA PHE A 123 -20.40 -19.15 -13.85
C PHE A 123 -19.58 -20.43 -13.86
N ASP A 124 -19.78 -21.23 -14.90
CA ASP A 124 -18.88 -22.30 -15.14
C ASP A 124 -17.69 -21.70 -15.88
N VAL A 125 -16.51 -21.90 -15.32
CA VAL A 125 -15.32 -21.24 -15.81
C VAL A 125 -14.94 -21.70 -17.24
N ARG A 126 -15.31 -22.92 -17.63
CA ARG A 126 -15.11 -23.35 -19.02
C ARG A 126 -15.87 -22.47 -20.01
N THR A 127 -17.04 -21.95 -19.62
CA THR A 127 -17.84 -21.12 -20.54
C THR A 127 -17.02 -19.94 -20.99
N PHE A 128 -16.14 -19.46 -20.13
CA PHE A 128 -15.27 -18.34 -20.50
C PHE A 128 -14.30 -18.74 -21.60
N SER A 129 -14.00 -20.01 -21.69
CA SER A 129 -13.06 -20.52 -22.67
C SER A 129 -13.77 -21.04 -23.94
N ASN A 130 -15.08 -21.21 -23.85
CA ASN A 130 -15.92 -21.72 -24.92
C ASN A 130 -16.11 -20.71 -26.06
N GLU A 131 -15.22 -20.79 -27.04
CA GLU A 131 -15.25 -19.89 -28.20
C GLU A 131 -16.62 -19.88 -28.92
N ALA A 132 -17.35 -20.99 -28.89
CA ALA A 132 -18.67 -21.07 -29.54
C ALA A 132 -19.83 -20.39 -28.78
N LYS A 133 -19.57 -19.85 -27.59
CA LYS A 133 -20.55 -19.02 -26.90
C LYS A 133 -20.14 -17.56 -26.97
N GLN A 134 -20.84 -16.80 -27.81
CA GLN A 134 -20.57 -15.38 -27.94
C GLN A 134 -20.97 -14.67 -26.65
N GLN A 135 -22.01 -15.16 -25.99
CA GLN A 135 -22.38 -14.58 -24.72
C GLN A 135 -22.10 -15.56 -23.58
N LYS A 136 -21.39 -15.07 -22.58
CA LYS A 136 -21.02 -15.90 -21.46
C LYS A 136 -22.05 -15.73 -20.34
N ARG A 137 -23.00 -16.65 -20.25
CA ARG A 137 -24.04 -16.58 -19.26
C ARG A 137 -23.71 -17.44 -18.08
N PRO A 138 -24.19 -17.05 -16.90
CA PRO A 138 -24.08 -17.96 -15.79
C PRO A 138 -25.06 -19.12 -15.94
N PHE A 139 -24.77 -20.24 -15.30
CA PHE A 139 -25.62 -21.42 -15.39
C PHE A 139 -26.63 -21.52 -14.24
N ALA A 140 -26.46 -20.74 -13.20
CA ALA A 140 -27.40 -20.77 -12.09
C ALA A 140 -27.32 -19.48 -11.32
N TYR A 141 -28.46 -19.03 -10.82
CA TYR A 141 -28.53 -17.86 -9.96
C TYR A 141 -28.95 -18.29 -8.57
N HIS A 142 -28.76 -17.41 -7.59
CA HIS A 142 -29.36 -17.57 -6.27
C HIS A 142 -29.79 -16.22 -5.79
N LYS A 143 -31.07 -16.10 -5.52
CA LYS A 143 -31.66 -14.83 -5.23
C LYS A 143 -31.89 -14.74 -3.75
N LEU A 144 -31.36 -13.68 -3.16
CA LEU A 144 -31.47 -13.45 -1.75
C LEU A 144 -32.64 -12.50 -1.70
N LEU A 145 -33.78 -13.01 -1.22
CA LEU A 145 -35.06 -12.23 -1.24
C LEU A 145 -34.81 -10.77 -0.82
N LYS A 146 -33.84 -10.65 0.10
CA LYS A 146 -33.39 -9.39 0.64
C LYS A 146 -32.99 -8.38 -0.44
N ASP A 147 -33.21 -7.10 -0.11
CA ASP A 147 -32.75 -5.98 -0.92
C ASP A 147 -31.50 -5.30 -0.28
N ALA A 148 -31.63 -4.30 0.59
CA ALA A 148 -30.42 -3.68 1.21
C ALA A 148 -29.58 -4.64 2.12
N GLY A 149 -30.27 -5.33 3.03
CA GLY A 149 -29.68 -6.33 3.90
C GLY A 149 -29.22 -7.57 3.16
N GLY A 150 -29.41 -7.59 1.84
CA GLY A 150 -28.96 -8.69 1.04
C GLY A 150 -27.57 -8.54 0.43
N MET A 151 -26.82 -7.50 0.83
CA MET A 151 -25.44 -7.36 0.36
C MET A 151 -24.56 -8.48 0.92
N VAL A 152 -23.88 -9.22 0.04
CA VAL A 152 -22.89 -10.20 0.49
C VAL A 152 -21.76 -9.40 1.11
N ILE A 153 -21.41 -9.69 2.35
CA ILE A 153 -20.30 -9.00 3.01
C ILE A 153 -19.11 -9.92 3.24
N ASP A 154 -19.28 -11.22 3.03
CA ASP A 154 -18.21 -12.20 3.09
C ASP A 154 -18.71 -13.47 2.45
N MET A 155 -17.89 -14.08 1.63
CA MET A 155 -18.31 -15.26 0.95
C MET A 155 -17.10 -16.06 0.61
N LYS A 156 -17.11 -17.32 1.03
CA LYS A 156 -15.94 -18.16 0.88
C LYS A 156 -16.26 -19.57 0.52
N TRP A 157 -15.62 -20.02 -0.57
CA TRP A 157 -15.67 -21.40 -1.01
C TRP A 157 -14.85 -22.25 -0.08
N ASN A 158 -15.26 -23.50 0.06
CA ASN A 158 -14.56 -24.48 0.88
C ASN A 158 -13.25 -24.87 0.22
N PRO A 159 -12.18 -24.93 1.01
CA PRO A 159 -10.86 -25.23 0.43
C PRO A 159 -10.71 -26.67 -0.08
N THR A 160 -11.64 -27.56 0.27
CA THR A 160 -11.53 -28.96 -0.11
C THR A 160 -12.81 -29.57 -0.64
N VAL A 161 -13.98 -28.99 -0.34
CA VAL A 161 -15.23 -29.46 -0.96
C VAL A 161 -15.64 -28.48 -2.07
N PRO A 162 -15.36 -28.85 -3.34
CA PRO A 162 -15.51 -27.92 -4.46
C PRO A 162 -16.90 -27.39 -4.64
N SER A 163 -17.91 -28.16 -4.26
CA SER A 163 -19.28 -27.72 -4.44
C SER A 163 -19.75 -26.81 -3.29
N MET A 164 -18.94 -26.59 -2.28
CA MET A 164 -19.45 -25.96 -1.08
C MET A 164 -18.99 -24.54 -0.87
N VAL A 165 -19.93 -23.64 -0.57
CA VAL A 165 -19.61 -22.25 -0.34
C VAL A 165 -20.40 -21.67 0.82
N ALA A 166 -19.76 -20.76 1.53
CA ALA A 166 -20.34 -20.16 2.69
C ALA A 166 -20.58 -18.71 2.39
N VAL A 167 -21.79 -18.22 2.64
CA VAL A 167 -22.14 -16.84 2.29
C VAL A 167 -22.76 -16.11 3.45
N CYS A 168 -22.25 -14.92 3.74
CA CYS A 168 -22.70 -14.12 4.86
C CYS A 168 -23.21 -12.76 4.33
N LEU A 169 -24.40 -12.34 4.79
CA LEU A 169 -25.08 -11.14 4.32
C LEU A 169 -25.09 -10.01 5.33
N ALA A 170 -25.35 -8.80 4.85
CA ALA A 170 -25.39 -7.61 5.71
C ALA A 170 -26.39 -7.70 6.84
N ASP A 171 -27.50 -8.41 6.66
CA ASP A 171 -28.56 -8.43 7.69
C ASP A 171 -28.21 -9.29 8.89
N GLY A 172 -27.09 -10.01 8.78
CA GLY A 172 -26.59 -10.87 9.84
C GLY A 172 -26.82 -12.34 9.58
N SER A 173 -27.56 -12.68 8.52
CA SER A 173 -27.88 -14.06 8.21
C SER A 173 -26.73 -14.70 7.49
N ILE A 174 -26.74 -16.03 7.44
CA ILE A 174 -25.68 -16.82 6.83
C ILE A 174 -26.26 -18.06 6.14
N ALA A 175 -25.58 -18.57 5.12
CA ALA A 175 -26.02 -19.80 4.45
C ALA A 175 -24.84 -20.61 3.90
N VAL A 176 -25.00 -21.92 3.87
CA VAL A 176 -24.03 -22.78 3.26
C VAL A 176 -24.70 -23.35 2.03
N LEU A 177 -24.04 -23.19 0.89
CA LEU A 177 -24.63 -23.61 -0.35
C LEU A 177 -23.84 -24.73 -0.99
N GLN A 178 -24.57 -25.51 -1.79
CA GLN A 178 -24.00 -26.58 -2.58
C GLN A 178 -24.34 -26.26 -4.04
N VAL A 179 -23.30 -26.10 -4.83
CA VAL A 179 -23.43 -25.69 -6.21
C VAL A 179 -22.81 -26.78 -7.10
N THR A 180 -23.68 -27.49 -7.80
CA THR A 180 -23.26 -28.57 -8.68
C THR A 180 -23.70 -28.12 -10.10
N GLU A 181 -24.74 -28.75 -10.64
CA GLU A 181 -25.38 -28.28 -11.86
C GLU A 181 -26.47 -27.28 -11.48
N THR A 182 -26.80 -27.22 -10.19
CA THR A 182 -27.78 -26.26 -9.67
C THR A 182 -27.39 -25.88 -8.24
N VAL A 183 -28.19 -25.01 -7.61
CA VAL A 183 -27.89 -24.46 -6.26
C VAL A 183 -28.77 -25.05 -5.15
N LYS A 184 -28.16 -25.83 -4.25
CA LYS A 184 -28.86 -26.32 -3.05
C LYS A 184 -28.45 -25.54 -1.78
N VAL A 185 -29.44 -25.02 -1.05
CA VAL A 185 -29.22 -24.49 0.30
C VAL A 185 -29.15 -25.63 1.31
N CYS A 186 -27.98 -25.85 1.89
CA CYS A 186 -27.78 -26.96 2.82
C CYS A 186 -28.04 -26.58 4.27
N ALA A 187 -27.58 -25.38 4.62
CA ALA A 187 -27.74 -24.89 5.95
C ALA A 187 -27.90 -23.39 5.87
N THR A 188 -28.70 -22.85 6.79
CA THR A 188 -28.83 -21.42 6.96
C THR A 188 -28.97 -21.09 8.45
N LEU A 189 -28.59 -19.87 8.79
CA LEU A 189 -28.85 -19.37 10.13
C LEU A 189 -29.44 -17.98 9.95
N PRO A 190 -30.49 -17.69 10.71
CA PRO A 190 -31.22 -16.45 10.48
C PRO A 190 -30.44 -15.24 10.98
N SER A 191 -30.93 -14.05 10.65
CA SER A 191 -30.27 -12.77 10.92
C SER A 191 -29.95 -12.49 12.41
N THR A 192 -30.86 -12.88 13.30
CA THR A 192 -30.63 -12.74 14.73
C THR A 192 -29.35 -13.43 15.25
N VAL A 193 -28.76 -14.34 14.49
CA VAL A 193 -27.44 -14.86 14.89
C VAL A 193 -26.34 -13.78 14.77
N ALA A 194 -26.49 -12.83 13.84
CA ALA A 194 -25.63 -11.66 13.76
C ALA A 194 -24.23 -12.00 13.26
N VAL A 195 -24.14 -12.71 12.15
CA VAL A 195 -22.82 -13.03 11.59
C VAL A 195 -22.26 -11.81 10.86
N THR A 196 -20.97 -11.54 11.05
CA THR A 196 -20.32 -10.43 10.36
C THR A 196 -19.23 -10.89 9.37
N SER A 197 -18.79 -12.14 9.48
CA SER A 197 -17.68 -12.64 8.69
C SER A 197 -17.63 -14.14 8.83
N VAL A 198 -16.81 -14.79 8.01
CA VAL A 198 -16.90 -16.24 7.84
C VAL A 198 -15.57 -16.81 7.37
N CYS A 199 -15.19 -18.00 7.82
CA CYS A 199 -13.97 -18.61 7.32
C CYS A 199 -13.83 -20.10 7.62
N TRP A 200 -13.57 -20.87 6.56
CA TRP A 200 -13.38 -22.31 6.66
C TRP A 200 -12.09 -22.73 7.38
N SER A 201 -12.15 -23.86 8.10
CA SER A 201 -10.94 -24.48 8.62
C SER A 201 -10.02 -24.88 7.46
N PRO A 202 -8.74 -25.04 7.72
CA PRO A 202 -7.77 -25.39 6.67
C PRO A 202 -8.16 -26.59 5.81
N LYS A 203 -8.61 -27.67 6.46
CA LYS A 203 -8.98 -28.88 5.74
C LYS A 203 -10.41 -28.76 5.27
N GLY A 204 -11.13 -27.77 5.78
CA GLY A 204 -12.46 -27.47 5.29
C GLY A 204 -13.51 -28.29 5.98
N LYS A 205 -13.26 -28.66 7.22
CA LYS A 205 -14.15 -29.55 7.96
C LYS A 205 -15.11 -28.78 8.82
N GLN A 206 -14.74 -27.55 9.20
CA GLN A 206 -15.64 -26.68 9.92
C GLN A 206 -15.66 -25.26 9.39
N LEU A 207 -16.70 -24.55 9.78
CA LEU A 207 -16.85 -23.14 9.46
C LEU A 207 -16.76 -22.33 10.75
N ALA A 208 -15.94 -21.28 10.73
CA ALA A 208 -15.81 -20.32 11.83
C ALA A 208 -16.55 -19.07 11.40
N VAL A 209 -17.41 -18.54 12.25
CA VAL A 209 -18.11 -17.32 11.90
C VAL A 209 -17.84 -16.26 12.93
N GLY A 210 -17.44 -15.08 12.47
CA GLY A 210 -17.31 -13.92 13.34
C GLY A 210 -18.67 -13.33 13.62
N LYS A 211 -18.80 -12.61 14.73
CA LYS A 211 -20.10 -12.18 15.13
C LYS A 211 -20.09 -10.79 15.70
N GLN A 212 -21.23 -10.14 15.58
CA GLN A 212 -21.47 -8.79 16.07
C GLN A 212 -21.13 -8.62 17.55
N ASN A 213 -21.42 -9.65 18.35
CA ASN A 213 -21.16 -9.64 19.81
C ASN A 213 -19.70 -9.83 20.19
N GLY A 214 -18.82 -10.00 19.21
CA GLY A 214 -17.40 -10.01 19.47
C GLY A 214 -16.80 -11.40 19.56
N THR A 215 -17.63 -12.43 19.42
CA THR A 215 -17.17 -13.81 19.53
C THR A 215 -16.96 -14.44 18.17
N VAL A 216 -16.19 -15.52 18.16
CA VAL A 216 -16.09 -16.36 16.99
C VAL A 216 -16.62 -17.74 17.32
N VAL A 217 -17.72 -18.15 16.69
CA VAL A 217 -18.30 -19.48 16.86
C VAL A 217 -17.88 -20.46 15.75
N GLN A 218 -17.47 -21.66 16.13
CA GLN A 218 -17.17 -22.71 15.16
C GLN A 218 -18.37 -23.59 14.92
N TYR A 219 -18.47 -24.11 13.71
CA TYR A 219 -19.64 -24.85 13.27
C TYR A 219 -19.21 -25.99 12.38
N LEU A 220 -19.95 -27.08 12.44
CA LEU A 220 -19.92 -28.07 11.38
C LEU A 220 -20.64 -27.45 10.20
N PRO A 221 -20.38 -27.94 8.98
CA PRO A 221 -21.07 -27.42 7.78
C PRO A 221 -22.60 -27.51 7.86
N THR A 222 -23.11 -28.39 8.70
CA THR A 222 -24.54 -28.46 8.94
C THR A 222 -25.01 -27.33 9.85
N LEU A 223 -24.08 -26.43 10.21
CA LEU A 223 -24.29 -25.33 11.15
C LEU A 223 -24.71 -25.77 12.54
N GLN A 224 -24.23 -26.94 12.97
CA GLN A 224 -24.33 -27.34 14.36
C GLN A 224 -23.07 -26.83 15.08
N GLU A 225 -23.31 -26.08 16.13
CA GLU A 225 -22.30 -25.31 16.87
C GLU A 225 -21.29 -26.20 17.56
N LYS A 226 -20.00 -25.87 17.46
CA LYS A 226 -18.92 -26.71 18.03
C LYS A 226 -18.02 -26.07 19.08
N LYS A 227 -17.73 -24.79 18.99
CA LYS A 227 -16.80 -24.17 19.91
C LYS A 227 -16.99 -22.66 19.83
N VAL A 228 -16.98 -21.97 20.97
CA VAL A 228 -17.05 -20.49 21.01
C VAL A 228 -15.70 -19.92 21.45
N ILE A 229 -15.19 -18.97 20.69
CA ILE A 229 -14.03 -18.18 21.11
C ILE A 229 -14.57 -16.89 21.69
N PRO A 230 -14.29 -16.62 22.98
CA PRO A 230 -14.89 -15.45 23.57
C PRO A 230 -14.24 -14.18 23.07
N CYS A 231 -14.95 -13.09 23.25
CA CYS A 231 -14.42 -11.79 22.96
C CYS A 231 -13.24 -11.52 23.88
N PRO A 232 -12.08 -11.14 23.33
CA PRO A 232 -10.87 -10.96 24.14
C PRO A 232 -11.07 -10.08 25.39
N PRO A 233 -10.53 -10.51 26.54
CA PRO A 233 -10.72 -9.80 27.80
C PRO A 233 -10.32 -8.32 27.82
N PHE A 234 -9.36 -7.91 27.00
CA PHE A 234 -8.92 -6.52 27.05
C PHE A 234 -9.95 -5.49 26.58
N TYR A 235 -10.94 -5.90 25.81
CA TYR A 235 -12.01 -4.98 25.42
C TYR A 235 -13.02 -4.81 26.56
N GLU A 236 -13.25 -3.55 26.95
CA GLU A 236 -14.23 -3.21 27.99
C GLU A 236 -15.68 -3.36 27.51
N SER A 237 -16.63 -3.12 28.41
CA SER A 237 -18.05 -3.13 28.04
C SER A 237 -18.47 -1.83 27.38
N ASP A 238 -17.81 -0.73 27.76
CA ASP A 238 -18.10 0.58 27.16
C ASP A 238 -17.20 0.91 25.96
N HIS A 239 -16.55 -0.12 25.42
CA HIS A 239 -15.88 -0.06 24.11
C HIS A 239 -16.15 -1.35 23.34
N PRO A 240 -17.43 -1.69 23.11
CA PRO A 240 -17.77 -3.03 22.64
C PRO A 240 -17.48 -3.22 21.15
N VAL A 241 -17.03 -4.42 20.78
CA VAL A 241 -16.52 -4.68 19.44
C VAL A 241 -17.16 -5.87 18.72
N ARG A 242 -16.89 -5.98 17.43
CA ARG A 242 -17.44 -7.03 16.61
C ARG A 242 -16.33 -7.62 15.77
N VAL A 243 -16.43 -8.90 15.44
CA VAL A 243 -15.46 -9.46 14.54
C VAL A 243 -15.74 -8.82 13.23
N LEU A 244 -14.72 -8.25 12.63
CA LEU A 244 -14.84 -7.67 11.31
C LEU A 244 -14.45 -8.70 10.23
N ASP A 245 -13.35 -9.40 10.48
CA ASP A 245 -12.87 -10.43 9.58
C ASP A 245 -12.20 -11.48 10.42
N VAL A 246 -12.11 -12.69 9.90
CA VAL A 246 -11.49 -13.81 10.59
C VAL A 246 -10.71 -14.70 9.63
N LEU A 247 -9.51 -15.13 10.02
CA LEU A 247 -8.76 -16.11 9.25
C LEU A 247 -8.35 -17.24 10.18
N TRP A 248 -8.85 -18.43 9.87
CA TRP A 248 -8.52 -19.69 10.55
C TRP A 248 -7.25 -20.28 9.95
N ILE A 249 -6.13 -20.16 10.67
CA ILE A 249 -4.81 -20.54 10.18
C ILE A 249 -4.45 -22.01 10.46
N GLY A 250 -4.51 -22.39 11.72
CA GLY A 250 -4.32 -23.77 12.15
C GLY A 250 -5.46 -24.12 13.08
N THR A 251 -5.52 -25.36 13.50
CA THR A 251 -6.66 -25.85 14.30
C THR A 251 -6.93 -24.95 15.51
N TYR A 252 -5.86 -24.53 16.18
CA TYR A 252 -5.96 -23.71 17.39
C TYR A 252 -5.42 -22.32 17.20
N VAL A 253 -5.38 -21.85 15.95
CA VAL A 253 -4.75 -20.57 15.61
C VAL A 253 -5.56 -19.76 14.60
N PHE A 254 -5.77 -18.49 14.94
CA PHE A 254 -6.63 -17.63 14.16
C PHE A 254 -6.05 -16.24 14.13
N ALA A 255 -6.30 -15.51 13.03
CA ALA A 255 -6.20 -14.06 13.02
C ALA A 255 -7.62 -13.57 13.11
N ILE A 256 -7.88 -12.67 14.04
CA ILE A 256 -9.21 -12.10 14.20
C ILE A 256 -9.14 -10.58 14.28
N VAL A 257 -9.95 -9.92 13.46
CA VAL A 257 -9.97 -8.47 13.42
C VAL A 257 -11.23 -7.95 14.14
N TYR A 258 -11.01 -7.06 15.08
CA TYR A 258 -12.10 -6.41 15.78
C TYR A 258 -12.25 -4.97 15.32
N ALA A 259 -13.50 -4.50 15.33
CA ALA A 259 -13.86 -3.14 14.97
C ALA A 259 -14.96 -2.75 15.93
N ALA A 260 -15.17 -1.44 16.09
CA ALA A 260 -16.21 -0.89 16.94
C ALA A 260 -17.55 -1.51 16.58
N ALA A 261 -18.24 -2.03 17.59
CA ALA A 261 -19.54 -2.68 17.41
C ALA A 261 -20.48 -1.81 16.61
N ASP A 262 -20.48 -0.50 16.87
CA ASP A 262 -21.56 0.37 16.38
C ASP A 262 -21.43 0.76 14.89
N GLY A 263 -20.35 0.38 14.22
CA GLY A 263 -20.20 0.67 12.81
C GLY A 263 -19.34 1.88 12.51
N THR A 264 -19.07 2.71 13.52
CA THR A 264 -18.12 3.83 13.37
C THR A 264 -16.92 3.48 12.48
N LEU A 265 -16.50 4.42 11.64
CA LEU A 265 -15.36 4.20 10.74
C LEU A 265 -14.09 4.88 11.28
N GLU A 266 -14.31 5.73 12.26
CA GLU A 266 -13.28 6.58 12.80
C GLU A 266 -12.29 5.79 13.64
N THR A 267 -12.80 4.95 14.52
CA THR A 267 -11.96 4.07 15.30
C THR A 267 -11.28 3.17 14.30
N SER A 268 -10.07 2.72 14.59
CA SER A 268 -9.40 1.81 13.67
C SER A 268 -9.32 0.36 14.19
N PRO A 269 -9.53 -0.62 13.30
CA PRO A 269 -9.54 -2.02 13.67
C PRO A 269 -8.23 -2.57 14.26
N ASP A 270 -8.38 -3.58 15.11
CA ASP A 270 -7.26 -4.29 15.71
C ASP A 270 -7.16 -5.66 15.09
N VAL A 271 -6.01 -5.96 14.52
CA VAL A 271 -5.71 -7.31 14.12
C VAL A 271 -5.20 -8.00 15.35
N VAL A 272 -5.82 -9.12 15.70
CA VAL A 272 -5.44 -9.83 16.91
C VAL A 272 -5.11 -11.25 16.52
N MET A 273 -3.94 -11.75 16.92
CA MET A 273 -3.60 -13.15 16.81
C MET A 273 -4.07 -13.87 18.06
N ALA A 274 -4.75 -15.01 17.86
CA ALA A 274 -5.29 -15.80 18.95
C ALA A 274 -4.79 -17.24 18.90
N LEU A 275 -4.16 -17.69 20.00
CA LEU A 275 -3.82 -19.10 20.20
C LEU A 275 -4.79 -19.70 21.21
N LEU A 276 -5.37 -20.84 20.85
CA LEU A 276 -6.38 -21.52 21.67
C LEU A 276 -5.80 -22.70 22.43
N PRO A 277 -6.36 -22.99 23.61
CA PRO A 277 -5.93 -24.17 24.32
C PRO A 277 -6.48 -25.42 23.64
N LYS A 278 -6.21 -26.58 24.22
CA LYS A 278 -6.75 -27.84 23.74
C LYS A 278 -7.67 -28.44 24.80
N LYS A 279 -8.32 -29.55 24.46
CA LYS A 279 -9.11 -30.29 25.45
C LYS A 279 -8.21 -30.66 26.63
N GLU A 280 -6.99 -31.14 26.32
CA GLU A 280 -5.99 -31.50 27.36
C GLU A 280 -5.24 -30.30 27.99
N GLU A 281 -5.75 -29.09 27.78
CA GLU A 281 -5.28 -27.90 28.49
C GLU A 281 -6.47 -27.15 29.12
N LYS A 282 -6.22 -26.53 30.27
CA LYS A 282 -7.15 -25.60 30.90
C LYS A 282 -6.44 -24.25 31.01
N HIS A 283 -5.77 -23.87 29.92
CA HIS A 283 -5.19 -22.54 29.78
C HIS A 283 -6.28 -21.67 29.22
N PRO A 284 -6.18 -20.35 29.44
CA PRO A 284 -7.07 -19.45 28.72
C PRO A 284 -6.60 -19.29 27.27
N GLU A 285 -7.31 -18.48 26.50
CA GLU A 285 -6.92 -18.20 25.13
C GLU A 285 -5.86 -17.11 25.17
N ILE A 286 -4.80 -17.27 24.40
CA ILE A 286 -3.79 -16.22 24.30
C ILE A 286 -4.13 -15.35 23.10
N PHE A 287 -4.28 -14.05 23.35
CA PHE A 287 -4.46 -13.06 22.30
C PHE A 287 -3.31 -12.09 22.30
N VAL A 288 -2.84 -11.70 21.12
CA VAL A 288 -1.81 -10.68 20.99
C VAL A 288 -2.31 -9.58 20.04
N ASN A 289 -2.48 -8.37 20.54
CA ASN A 289 -2.99 -7.27 19.73
C ASN A 289 -1.87 -6.60 18.94
N PHE A 290 -1.83 -6.85 17.64
CA PHE A 290 -0.91 -6.18 16.72
C PHE A 290 -1.50 -4.92 16.16
N MET A 291 -2.77 -4.72 16.43
CA MET A 291 -3.44 -3.43 16.29
C MET A 291 -3.61 -3.02 14.84
N GLU A 292 -2.93 -1.99 14.36
CA GLU A 292 -3.12 -1.44 13.01
C GLU A 292 -1.85 -1.65 12.18
N PRO A 293 -1.64 -2.89 11.72
CA PRO A 293 -0.44 -3.18 10.91
C PRO A 293 -0.52 -2.60 9.49
N CYS A 294 -1.74 -2.41 8.99
CA CYS A 294 -1.97 -1.70 7.77
C CYS A 294 -2.49 -0.34 8.21
N TYR A 295 -1.62 0.67 8.14
CA TYR A 295 -1.95 1.99 8.65
C TYR A 295 -3.02 2.70 7.84
N GLY A 296 -4.03 3.19 8.55
CA GLY A 296 -5.26 3.63 7.95
C GLY A 296 -5.15 5.10 7.67
N SER A 297 -5.21 5.47 6.41
CA SER A 297 -5.25 6.86 5.99
C SER A 297 -6.68 7.31 5.71
N CYS A 298 -7.63 6.37 5.68
CA CYS A 298 -8.97 6.67 5.20
C CYS A 298 -10.04 6.24 6.19
N THR A 299 -10.99 7.14 6.44
CA THR A 299 -12.10 6.86 7.35
C THR A 299 -13.42 6.95 6.62
N GLU A 300 -13.38 6.89 5.30
CA GLU A 300 -14.60 6.99 4.51
C GLU A 300 -15.19 5.64 4.07
N ARG A 301 -14.38 4.58 4.08
CA ARG A 301 -14.80 3.29 3.56
C ARG A 301 -15.17 2.35 4.68
N GLN A 302 -15.98 1.38 4.34
CA GLN A 302 -16.34 0.29 5.23
C GLN A 302 -15.10 -0.56 5.46
N HIS A 303 -14.83 -0.83 6.72
CA HIS A 303 -13.65 -1.58 7.08
C HIS A 303 -13.63 -2.93 6.48
N HIS A 304 -12.43 -3.40 6.17
CA HIS A 304 -12.30 -4.71 5.62
C HIS A 304 -10.83 -5.05 5.53
N TYR A 305 -10.44 -6.08 6.25
CA TYR A 305 -9.11 -6.65 6.11
C TYR A 305 -9.10 -7.85 5.18
N TYR A 306 -8.20 -7.82 4.22
CA TYR A 306 -8.02 -8.89 3.29
C TYR A 306 -6.89 -9.66 3.91
N LEU A 307 -7.17 -10.86 4.39
CA LEU A 307 -6.18 -11.67 5.07
C LEU A 307 -5.88 -12.95 4.32
N SER A 308 -4.63 -13.32 4.20
CA SER A 308 -4.31 -14.68 3.73
C SER A 308 -3.04 -15.27 4.31
N TYR A 309 -3.04 -16.59 4.52
CA TYR A 309 -1.93 -17.32 5.12
C TYR A 309 -1.15 -18.06 4.03
N ILE A 310 0.17 -18.01 4.08
CA ILE A 310 1.03 -18.76 3.16
C ILE A 310 1.80 -19.72 4.01
N GLU A 311 1.28 -20.94 4.12
CA GLU A 311 1.84 -21.94 5.00
C GLU A 311 3.36 -22.12 4.84
N GLU A 312 3.82 -22.30 3.60
CA GLU A 312 5.24 -22.69 3.40
C GLU A 312 6.13 -21.61 3.94
N TRP A 313 5.67 -20.37 3.93
CA TRP A 313 6.41 -19.25 4.48
C TRP A 313 6.02 -18.97 5.92
N ASP A 314 5.05 -19.71 6.42
CA ASP A 314 4.48 -19.47 7.74
C ASP A 314 4.24 -17.98 8.06
N LEU A 315 3.53 -17.29 7.20
CA LEU A 315 3.22 -15.89 7.45
C LEU A 315 1.86 -15.49 6.92
N VAL A 316 1.41 -14.33 7.35
CA VAL A 316 0.11 -13.83 6.95
C VAL A 316 0.31 -12.51 6.21
N LEU A 317 -0.25 -12.40 5.00
CA LEU A 317 -0.37 -11.14 4.27
C LEU A 317 -1.65 -10.40 4.71
N ALA A 318 -1.54 -9.09 4.96
CA ALA A 318 -2.71 -8.29 5.34
C ALA A 318 -2.80 -6.96 4.58
N ALA A 319 -4.02 -6.69 4.08
CA ALA A 319 -4.36 -5.45 3.43
C ALA A 319 -5.63 -5.00 4.06
N SER A 320 -5.94 -3.73 3.87
CA SER A 320 -7.11 -3.16 4.46
C SER A 320 -7.71 -2.07 3.60
N ALA A 321 -9.04 -2.03 3.57
CA ALA A 321 -9.78 -1.02 2.82
C ALA A 321 -9.41 0.43 3.21
N ALA A 322 -8.99 0.66 4.46
CA ALA A 322 -8.61 2.01 4.89
C ALA A 322 -7.10 2.35 4.70
N SER A 323 -6.32 1.45 4.08
CA SER A 323 -4.86 1.62 4.01
C SER A 323 -4.27 1.46 2.63
N THR A 324 -3.23 2.23 2.34
CA THR A 324 -2.56 2.12 1.08
C THR A 324 -1.44 1.05 1.12
N GLU A 325 -1.26 0.38 2.27
CA GLU A 325 -0.10 -0.51 2.51
C GLU A 325 -0.49 -1.96 2.82
N VAL A 326 0.31 -2.88 2.29
CA VAL A 326 0.19 -4.28 2.62
C VAL A 326 1.20 -4.60 3.70
N SER A 327 0.75 -5.32 4.73
CA SER A 327 1.59 -5.71 5.85
C SER A 327 1.74 -7.20 5.98
N ILE A 328 2.82 -7.61 6.65
CA ILE A 328 3.14 -9.02 6.90
C ILE A 328 3.24 -9.32 8.39
N LEU A 329 2.59 -10.39 8.81
CA LEU A 329 2.79 -10.97 10.14
C LEU A 329 3.35 -12.38 9.99
N ALA A 330 4.60 -12.58 10.41
CA ALA A 330 5.26 -13.87 10.30
C ALA A 330 5.26 -14.60 11.65
N ARG A 331 5.23 -15.93 11.59
CA ARG A 331 5.56 -16.75 12.75
C ARG A 331 7.04 -16.64 12.99
N GLN A 332 7.45 -16.72 14.26
CA GLN A 332 8.86 -16.63 14.64
C GLN A 332 9.59 -17.98 14.52
N SER A 333 10.92 -17.97 14.57
CA SER A 333 11.69 -19.22 14.64
C SER A 333 11.15 -20.08 15.77
N ASP A 334 10.90 -19.43 16.92
CA ASP A 334 9.96 -19.86 17.99
C ASP A 334 8.86 -20.86 17.54
N GLN A 335 8.20 -20.60 16.41
CA GLN A 335 7.16 -21.47 15.86
C GLN A 335 5.79 -21.28 16.52
N ILE A 336 5.72 -20.48 17.58
CA ILE A 336 4.46 -20.17 18.27
C ILE A 336 4.00 -18.74 18.03
N ASN A 337 4.88 -17.78 18.29
CA ASN A 337 4.51 -16.37 18.27
C ASN A 337 4.76 -15.70 16.94
N TRP A 338 4.19 -14.50 16.81
CA TRP A 338 4.18 -13.75 15.58
C TRP A 338 4.89 -12.43 15.73
N GLU A 339 5.32 -11.86 14.62
CA GLU A 339 6.02 -10.58 14.60
C GLU A 339 5.72 -9.83 13.29
N SER A 340 5.68 -8.50 13.36
CA SER A 340 5.56 -7.69 12.17
C SER A 340 6.88 -7.67 11.47
N TRP A 341 6.84 -7.80 10.14
CA TRP A 341 8.00 -7.60 9.32
C TRP A 341 8.02 -6.16 8.86
N LEU A 342 9.13 -5.47 9.16
CA LEU A 342 9.35 -4.10 8.74
C LEU A 342 10.36 -4.12 7.59
N LEU A 343 9.89 -3.71 6.42
CA LEU A 343 10.64 -3.81 5.18
C LEU A 343 11.17 -2.47 4.74
N GLU A 344 12.18 -2.53 3.90
CA GLU A 344 12.85 -1.34 3.43
C GLU A 344 11.92 -0.48 2.51
N ASP A 345 12.17 0.83 2.45
CA ASP A 345 11.36 1.83 1.70
C ASP A 345 10.99 1.49 0.25
N SER A 346 11.93 0.88 -0.45
CA SER A 346 11.75 0.64 -1.89
C SER A 346 11.36 -0.80 -2.15
N SER A 347 11.00 -1.50 -1.08
CA SER A 347 10.60 -2.89 -1.19
C SER A 347 9.24 -3.12 -0.56
N ARG A 348 8.38 -2.12 -0.61
CA ARG A 348 7.09 -2.24 0.05
C ARG A 348 6.01 -2.40 -0.94
N ALA A 349 4.82 -2.76 -0.46
CA ALA A 349 3.67 -2.89 -1.33
C ALA A 349 2.63 -1.87 -0.93
N GLU A 350 2.50 -0.84 -1.76
CA GLU A 350 1.59 0.27 -1.51
C GLU A 350 0.84 0.60 -2.76
N LEU A 351 -0.44 0.93 -2.59
CA LEU A 351 -1.24 1.41 -3.70
C LEU A 351 -0.85 2.82 -4.02
N PRO A 352 -0.98 3.21 -5.28
CA PRO A 352 -0.55 4.51 -5.67
C PRO A 352 -1.52 5.64 -5.34
N VAL A 353 -0.98 6.85 -5.47
CA VAL A 353 -1.76 8.08 -5.48
C VAL A 353 -2.40 8.22 -6.86
N THR A 354 -3.68 8.58 -6.89
CA THR A 354 -4.39 8.75 -8.14
C THR A 354 -3.87 10.02 -8.77
N ASP A 355 -4.11 10.17 -10.07
CA ASP A 355 -3.61 11.37 -10.76
C ASP A 355 -4.26 12.66 -10.19
N LYS A 356 -5.47 12.57 -9.66
CA LYS A 356 -6.11 13.69 -8.91
C LYS A 356 -5.54 13.85 -7.49
N SER A 357 -4.48 13.10 -7.19
CA SER A 357 -3.67 13.23 -5.97
C SER A 357 -4.27 12.63 -4.71
N ASP A 358 -5.33 11.85 -4.86
CA ASP A 358 -5.91 11.11 -3.74
C ASP A 358 -5.28 9.72 -3.62
N ASP A 359 -5.51 9.08 -2.48
CA ASP A 359 -5.02 7.72 -2.28
C ASP A 359 -5.97 6.72 -2.92
N SER A 360 -5.41 5.74 -3.65
CA SER A 360 -6.17 4.57 -4.05
C SER A 360 -6.00 3.50 -2.97
N LEU A 361 -7.03 2.69 -2.83
CA LEU A 361 -7.15 1.75 -1.73
C LEU A 361 -7.58 0.42 -2.33
N PRO A 362 -7.42 -0.67 -1.57
CA PRO A 362 -7.74 -2.00 -2.10
C PRO A 362 -9.25 -2.37 -2.17
N MET A 363 -9.61 -3.00 -3.30
CA MET A 363 -10.92 -3.60 -3.52
C MET A 363 -10.84 -5.11 -3.69
N GLY A 364 -9.63 -5.64 -3.89
CA GLY A 364 -9.41 -7.06 -4.12
C GLY A 364 -7.92 -7.41 -4.05
N VAL A 365 -7.63 -8.64 -3.61
CA VAL A 365 -6.26 -9.06 -3.34
C VAL A 365 -6.11 -10.54 -3.64
N VAL A 366 -5.10 -10.90 -4.41
CA VAL A 366 -4.89 -12.30 -4.72
C VAL A 366 -3.43 -12.53 -4.91
N VAL A 367 -3.05 -13.79 -4.91
CA VAL A 367 -1.68 -14.18 -5.20
C VAL A 367 -1.64 -15.19 -6.32
N ASP A 368 -0.82 -14.93 -7.33
CA ASP A 368 -0.60 -15.89 -8.41
C ASP A 368 0.58 -16.77 -8.04
N TYR A 369 0.47 -18.08 -8.28
CA TYR A 369 1.62 -18.98 -8.19
C TYR A 369 1.96 -19.62 -9.53
N THR A 370 1.31 -19.20 -10.62
CA THR A 370 1.64 -19.73 -11.96
C THR A 370 2.69 -18.95 -12.74
N ASN A 371 3.21 -17.88 -12.18
CA ASN A 371 4.22 -17.08 -12.88
C ASN A 371 5.47 -17.92 -13.21
N GLN A 372 5.88 -17.95 -14.47
CA GLN A 372 7.08 -18.73 -14.86
C GLN A 372 8.27 -17.87 -15.29
N VAL A 373 8.08 -16.56 -15.36
CA VAL A 373 9.13 -15.64 -15.85
C VAL A 373 10.12 -15.38 -14.73
N GLU A 374 11.41 -15.27 -15.05
CA GLU A 374 12.38 -14.94 -14.00
C GLU A 374 12.51 -13.43 -13.79
N ILE A 375 12.73 -13.05 -12.53
CA ILE A 375 12.89 -11.65 -12.18
C ILE A 375 14.22 -11.15 -12.71
N THR A 376 14.13 -10.17 -13.60
CA THR A 376 15.31 -9.48 -14.13
C THR A 376 15.69 -8.36 -13.13
N ILE A 377 16.81 -8.54 -12.42
CA ILE A 377 17.19 -7.62 -11.33
C ILE A 377 18.04 -6.45 -11.85
N SER A 378 19.29 -6.72 -12.17
CA SER A 378 20.13 -5.76 -12.89
C SER A 378 20.11 -6.12 -14.38
N ASP A 379 20.95 -5.46 -15.17
CA ASP A 379 21.29 -5.93 -16.53
C ASP A 379 21.76 -7.40 -16.49
N GLU A 380 22.46 -7.72 -15.40
CA GLU A 380 23.27 -8.92 -15.29
C GLU A 380 22.70 -9.98 -14.35
N LYS A 381 21.90 -9.57 -13.36
CA LYS A 381 21.41 -10.49 -12.35
C LYS A 381 19.94 -10.88 -12.59
N THR A 382 19.65 -12.14 -12.27
CA THR A 382 18.32 -12.71 -12.46
C THR A 382 17.98 -13.68 -11.34
N LEU A 383 16.81 -13.51 -10.74
CA LEU A 383 16.35 -14.42 -9.72
C LEU A 383 15.23 -15.30 -10.26
N PRO A 384 15.06 -16.51 -9.70
CA PRO A 384 13.95 -17.38 -10.08
C PRO A 384 12.53 -16.78 -9.87
N PRO A 385 11.53 -17.32 -10.57
CA PRO A 385 10.20 -16.76 -10.48
C PRO A 385 9.70 -16.73 -9.04
N ALA A 386 8.93 -15.70 -8.70
CA ALA A 386 8.30 -15.63 -7.39
C ALA A 386 6.80 -15.50 -7.53
N PRO A 387 6.08 -15.82 -6.46
CA PRO A 387 4.66 -15.53 -6.42
C PRO A 387 4.39 -14.06 -6.62
N VAL A 388 3.23 -13.72 -7.15
CA VAL A 388 2.93 -12.32 -7.37
C VAL A 388 1.69 -11.91 -6.61
N LEU A 389 1.84 -10.93 -5.71
CA LEU A 389 0.71 -10.30 -5.04
C LEU A 389 0.05 -9.34 -6.00
N MET A 390 -1.28 -9.39 -6.09
CA MET A 390 -2.01 -8.49 -6.98
C MET A 390 -3.10 -7.82 -6.24
N LEU A 391 -3.13 -6.50 -6.34
CA LEU A 391 -4.16 -5.69 -5.75
C LEU A 391 -4.95 -4.97 -6.82
N LEU A 392 -6.27 -5.05 -6.75
CA LEU A 392 -7.11 -4.16 -7.53
C LEU A 392 -7.45 -2.95 -6.68
N SER A 393 -7.22 -1.75 -7.22
CA SER A 393 -7.47 -0.49 -6.49
C SER A 393 -8.85 0.16 -6.74
N THR A 394 -9.23 1.07 -5.86
CA THR A 394 -10.44 1.83 -6.00
C THR A 394 -10.44 2.69 -7.27
N ASP A 395 -9.27 2.90 -7.84
CA ASP A 395 -9.15 3.70 -9.07
C ASP A 395 -9.26 2.82 -10.32
N GLY A 396 -9.40 1.52 -10.11
CA GLY A 396 -9.50 0.60 -11.24
C GLY A 396 -8.17 0.12 -11.76
N VAL A 397 -7.11 0.36 -11.00
CA VAL A 397 -5.76 -0.09 -11.40
C VAL A 397 -5.31 -1.35 -10.66
N LEU A 398 -4.71 -2.27 -11.42
CA LEU A 398 -4.15 -3.49 -10.87
C LEU A 398 -2.70 -3.27 -10.51
N CYS A 399 -2.30 -3.75 -9.33
CA CYS A 399 -1.01 -3.47 -8.77
C CYS A 399 -0.33 -4.76 -8.39
N PRO A 400 0.55 -5.25 -9.26
CA PRO A 400 1.29 -6.48 -9.02
C PRO A 400 2.68 -6.28 -8.41
N PHE A 401 3.04 -7.18 -7.49
CA PHE A 401 4.31 -7.15 -6.82
C PHE A 401 4.81 -8.56 -6.65
N TYR A 402 6.04 -8.81 -7.10
CA TYR A 402 6.69 -10.09 -6.79
C TYR A 402 6.92 -10.12 -5.30
N MET A 403 6.72 -11.29 -4.70
CA MET A 403 7.07 -11.49 -3.29
C MET A 403 8.35 -12.32 -3.22
N ILE A 404 9.46 -11.65 -3.01
CA ILE A 404 10.74 -12.30 -2.87
C ILE A 404 11.04 -12.60 -1.39
N ASN A 405 11.01 -13.88 -1.06
CA ASN A 405 11.33 -14.36 0.28
C ASN A 405 12.68 -15.05 0.17
N GLN A 406 13.72 -14.38 0.63
CA GLN A 406 15.07 -14.93 0.61
C GLN A 406 15.44 -15.57 1.95
N ASN A 407 14.50 -15.65 2.88
CA ASN A 407 14.75 -16.31 4.16
C ASN A 407 15.27 -17.74 3.95
N PRO A 408 16.06 -18.25 4.91
CA PRO A 408 16.72 -19.54 4.63
C PRO A 408 15.71 -20.65 4.74
N GLY A 409 15.84 -21.66 3.88
CA GLY A 409 15.00 -22.85 3.91
C GLY A 409 13.64 -22.77 3.24
N VAL A 410 13.28 -21.63 2.66
CA VAL A 410 11.95 -21.47 2.04
C VAL A 410 11.98 -22.11 0.66
N LYS A 411 11.04 -23.00 0.39
CA LYS A 411 11.01 -23.69 -0.90
C LYS A 411 10.10 -22.92 -1.87
N SER A 412 10.54 -22.88 -3.14
CA SER A 412 9.81 -22.20 -4.21
C SER A 412 8.35 -22.67 -4.29
N LEU A 413 7.43 -21.72 -4.42
CA LEU A 413 6.03 -22.02 -4.36
C LEU A 413 5.37 -22.04 -5.72
N ILE A 414 6.17 -21.79 -6.76
CA ILE A 414 5.67 -21.71 -8.12
C ILE A 414 5.11 -23.05 -8.58
N LYS A 415 3.94 -22.98 -9.22
CA LYS A 415 3.21 -24.15 -9.70
C LYS A 415 2.71 -23.92 -11.11
N THR A 416 3.13 -24.77 -12.03
CA THR A 416 2.84 -24.61 -13.46
C THR A 416 1.34 -24.84 -13.75
N PRO A 417 0.74 -23.99 -14.61
CA PRO A 417 -0.71 -24.04 -14.85
C PRO A 417 -1.12 -25.00 -15.96
N GLU A 418 -2.39 -25.38 -15.94
CA GLU A 418 -2.93 -26.33 -16.90
C GLU A 418 -3.94 -25.72 -17.84
N ARG A 419 -4.21 -26.48 -18.89
CA ARG A 419 -5.18 -26.11 -19.89
C ARG A 419 -6.56 -26.55 -19.45
N LEU A 420 -7.49 -25.64 -19.65
CA LEU A 420 -8.85 -25.83 -19.27
C LEU A 420 -9.58 -26.56 -20.40
N SER A 421 -10.11 -27.75 -20.13
CA SER A 421 -10.87 -28.46 -21.14
C SER A 421 -12.35 -28.19 -20.93
N LEU A 422 -13.06 -27.91 -22.02
CA LEU A 422 -14.48 -27.57 -21.99
C LEU A 422 -15.36 -28.76 -21.61
N GLU A 423 -14.78 -29.94 -21.56
CA GLU A 423 -15.50 -31.12 -21.14
C GLU A 423 -16.24 -30.82 -19.84
N GLY A 424 -17.46 -31.29 -19.73
CA GLY A 424 -18.23 -31.13 -18.51
C GLY A 424 -18.80 -29.76 -18.24
N GLU A 425 -18.68 -28.83 -19.19
CA GLU A 425 -19.23 -27.49 -19.02
C GLU A 425 -20.70 -27.59 -18.68
N ARG A 426 -21.13 -26.94 -17.61
CA ARG A 426 -22.55 -26.86 -17.31
C ARG A 426 -23.25 -25.85 -18.21
N GLN A 427 -24.49 -26.11 -18.56
CA GLN A 427 -25.27 -25.18 -19.39
C GLN A 427 -26.24 -24.45 -18.48
N PRO A 428 -26.60 -23.21 -18.84
CA PRO A 428 -27.86 -22.61 -18.33
C PRO A 428 -29.04 -23.60 -18.31
N ASN B 69 35.89 19.72 -6.77
CA ASN B 69 34.77 20.42 -6.09
C ASN B 69 33.71 20.98 -7.07
N LEU B 70 33.82 22.24 -7.51
CA LEU B 70 32.83 22.78 -8.47
C LEU B 70 33.13 22.40 -9.95
N VAL B 71 32.09 21.92 -10.66
CA VAL B 71 32.22 21.52 -12.07
C VAL B 71 32.03 22.74 -12.96
N ASP B 72 32.84 22.86 -14.01
CA ASP B 72 32.83 24.03 -14.90
C ASP B 72 31.61 24.10 -15.82
N ASN B 73 31.15 25.31 -16.12
CA ASN B 73 29.97 25.51 -16.98
C ASN B 73 29.91 26.89 -17.66
N THR B 74 30.35 26.94 -18.92
CA THR B 74 30.24 28.11 -19.81
C THR B 74 28.81 28.64 -19.92
N ASN B 75 27.85 27.71 -19.90
CA ASN B 75 26.44 28.00 -20.17
C ASN B 75 25.83 28.98 -19.17
N GLN B 76 24.58 29.33 -19.43
CA GLN B 76 23.88 30.22 -18.54
C GLN B 76 22.64 29.60 -17.96
N VAL B 77 22.35 30.04 -16.75
CA VAL B 77 21.14 29.68 -16.07
C VAL B 77 19.94 30.28 -16.79
N GLU B 78 18.93 29.48 -17.09
CA GLU B 78 17.63 29.97 -17.54
C GLU B 78 16.75 30.13 -16.30
N VAL B 79 16.02 31.22 -16.22
CA VAL B 79 15.22 31.50 -15.04
C VAL B 79 13.79 31.88 -15.39
N LEU B 80 12.83 31.02 -15.04
CA LEU B 80 11.41 31.40 -15.05
C LEU B 80 11.02 31.83 -13.64
N GLN B 81 10.88 33.12 -13.41
CA GLN B 81 10.47 33.56 -12.09
C GLN B 81 9.01 33.28 -11.86
N ARG B 82 8.68 32.86 -10.65
CA ARG B 82 7.32 32.74 -10.18
C ARG B 82 6.54 34.00 -10.47
N ASP B 83 7.19 35.13 -10.27
CA ASP B 83 6.58 36.42 -10.57
C ASP B 83 7.22 37.00 -11.82
N PRO B 84 6.44 37.13 -12.91
CA PRO B 84 7.00 37.68 -14.14
C PRO B 84 7.55 39.10 -13.99
N ASN B 85 6.83 39.95 -13.26
CA ASN B 85 7.18 41.38 -13.14
C ASN B 85 7.88 41.75 -11.84
N SER B 86 8.80 40.90 -11.38
CA SER B 86 9.45 41.14 -10.09
C SER B 86 10.89 40.67 -10.11
N PRO B 87 11.67 41.18 -11.09
CA PRO B 87 13.06 40.77 -11.33
C PRO B 87 13.89 40.97 -10.06
N LEU B 88 14.47 39.86 -9.56
CA LEU B 88 15.36 39.87 -8.39
C LEU B 88 16.34 38.70 -8.44
N TYR B 89 17.34 38.81 -9.31
CA TYR B 89 18.24 37.69 -9.59
C TYR B 89 19.60 38.00 -9.01
N SER B 90 20.53 37.09 -9.26
CA SER B 90 21.96 37.36 -9.20
C SER B 90 22.51 38.10 -7.99
N VAL B 91 23.03 37.31 -7.07
CA VAL B 91 23.94 37.78 -6.06
C VAL B 91 25.32 37.22 -6.44
N LYS B 92 26.34 38.04 -6.32
CA LYS B 92 27.70 37.62 -6.66
C LYS B 92 28.61 37.47 -5.43
N SER B 93 28.04 37.65 -4.24
CA SER B 93 28.70 37.41 -2.98
C SER B 93 27.74 36.78 -1.95
N PHE B 94 28.29 36.05 -0.98
CA PHE B 94 27.49 35.55 0.12
C PHE B 94 27.21 36.66 1.10
N GLU B 95 28.11 37.63 1.17
CA GLU B 95 27.98 38.69 2.13
C GLU B 95 26.70 39.46 1.85
N GLU B 96 26.35 39.58 0.57
CA GLU B 96 25.11 40.23 0.13
C GLU B 96 23.85 39.58 0.67
N LEU B 97 23.92 38.30 0.95
CA LEU B 97 22.71 37.56 1.26
C LEU B 97 22.18 37.80 2.66
N ARG B 98 22.91 38.56 3.47
CA ARG B 98 22.45 38.84 4.82
C ARG B 98 22.15 37.56 5.60
N LEU B 99 23.08 36.61 5.53
CA LEU B 99 22.98 35.39 6.31
C LEU B 99 23.18 35.71 7.79
N LYS B 100 22.72 34.86 8.69
CA LYS B 100 23.07 35.02 10.09
C LYS B 100 24.56 34.81 10.16
N PRO B 101 25.22 35.53 11.08
CA PRO B 101 26.68 35.48 11.18
C PRO B 101 27.22 34.05 11.32
N GLN B 102 26.52 33.20 12.06
CA GLN B 102 27.01 31.83 12.30
C GLN B 102 26.85 30.96 11.08
N LEU B 103 25.95 31.36 10.20
CA LEU B 103 25.83 30.67 8.94
C LEU B 103 26.92 31.12 7.95
N LEU B 104 27.22 32.41 7.93
CA LEU B 104 28.25 32.92 7.01
C LEU B 104 29.60 32.40 7.47
N GLN B 105 29.71 32.20 8.78
CA GLN B 105 30.96 31.71 9.31
C GLN B 105 31.09 30.28 8.89
N GLY B 106 29.97 29.54 8.94
CA GLY B 106 29.93 28.15 8.47
C GLY B 106 30.45 28.04 7.04
N VAL B 107 29.91 28.90 6.20
CA VAL B 107 30.27 28.99 4.81
C VAL B 107 31.76 29.23 4.65
N TYR B 108 32.24 30.24 5.38
CA TYR B 108 33.63 30.62 5.38
C TYR B 108 34.51 29.46 5.77
N ALA B 109 34.13 28.74 6.81
CA ALA B 109 34.94 27.61 7.32
C ALA B 109 35.05 26.52 6.26
N MET B 110 34.00 26.38 5.45
CA MET B 110 34.02 25.44 4.34
C MET B 110 34.90 25.84 3.17
N GLY B 111 35.36 27.08 3.11
CA GLY B 111 36.29 27.50 2.06
C GLY B 111 35.60 28.12 0.86
N PHE B 112 34.30 28.30 0.93
CA PHE B 112 33.59 28.91 -0.16
C PHE B 112 33.95 30.35 -0.23
N ASN B 113 33.92 30.88 -1.43
CA ASN B 113 34.31 32.25 -1.68
C ASN B 113 33.18 33.07 -2.34
N ARG B 114 32.82 32.65 -3.56
CA ARG B 114 31.77 33.25 -4.35
C ARG B 114 30.64 32.22 -4.41
N PRO B 115 29.39 32.66 -4.58
CA PRO B 115 28.43 31.65 -4.96
C PRO B 115 28.77 31.10 -6.33
N SER B 116 28.45 29.83 -6.50
CA SER B 116 28.50 29.19 -7.79
C SER B 116 27.39 29.71 -8.70
N LYS B 117 27.61 29.48 -9.99
CA LYS B 117 26.68 29.87 -11.06
C LYS B 117 25.22 29.58 -10.71
N ILE B 118 24.94 28.35 -10.32
CA ILE B 118 23.59 27.98 -9.94
C ILE B 118 23.19 28.72 -8.67
N GLN B 119 24.10 28.83 -7.72
CA GLN B 119 23.81 29.52 -6.47
C GLN B 119 23.46 31.00 -6.67
N GLU B 120 24.06 31.64 -7.66
CA GLU B 120 23.89 33.08 -7.86
C GLU B 120 22.46 33.46 -8.11
N ASN B 121 21.73 32.57 -8.77
CA ASN B 121 20.31 32.80 -9.03
C ASN B 121 19.41 32.11 -8.02
N ALA B 122 19.81 30.92 -7.58
CA ALA B 122 19.01 30.12 -6.69
C ALA B 122 18.86 30.74 -5.29
N LEU B 123 19.95 31.28 -4.75
CA LEU B 123 19.96 31.75 -3.35
C LEU B 123 19.06 32.97 -3.10
N PRO B 124 19.07 33.95 -4.00
CA PRO B 124 18.18 35.09 -3.82
C PRO B 124 16.69 34.72 -3.80
N LEU B 125 16.33 33.64 -4.48
CA LEU B 125 14.94 33.22 -4.52
C LEU B 125 14.60 32.46 -3.24
N MET B 126 15.49 31.55 -2.85
CA MET B 126 15.26 30.71 -1.68
C MET B 126 15.34 31.51 -0.39
N LEU B 127 16.17 32.56 -0.42
CA LEU B 127 16.39 33.39 0.75
C LEU B 127 15.72 34.75 0.60
N ALA B 128 14.87 34.89 -0.40
CA ALA B 128 14.01 36.05 -0.50
C ALA B 128 13.31 36.34 0.83
N GLU B 129 12.77 37.55 0.95
CA GLU B 129 11.95 37.92 2.11
C GLU B 129 10.51 38.20 1.65
N PRO B 130 9.61 37.25 1.84
CA PRO B 130 9.79 35.90 2.39
C PRO B 130 10.36 34.93 1.36
N PRO B 131 10.80 33.75 1.82
CA PRO B 131 11.37 32.74 0.95
C PRO B 131 10.40 32.30 -0.11
N GLN B 132 10.90 31.79 -1.22
CA GLN B 132 10.07 31.34 -2.31
C GLN B 132 10.44 29.93 -2.68
N ASN B 133 9.51 29.23 -3.32
CA ASN B 133 9.74 27.89 -3.78
C ASN B 133 10.55 27.83 -5.05
N LEU B 134 11.14 26.66 -5.32
CA LEU B 134 12.08 26.51 -6.43
C LEU B 134 12.09 25.10 -6.97
N ILE B 135 12.07 24.99 -8.30
CA ILE B 135 12.47 23.76 -8.99
C ILE B 135 13.77 24.09 -9.73
N ALA B 136 14.85 23.39 -9.41
CA ALA B 136 16.15 23.69 -10.02
C ALA B 136 16.73 22.46 -10.63
N GLN B 137 17.24 22.64 -11.83
CA GLN B 137 17.96 21.63 -12.54
C GLN B 137 19.37 22.09 -12.85
N SER B 138 20.36 21.33 -12.37
CA SER B 138 21.72 21.52 -12.82
C SER B 138 22.49 20.24 -12.56
N GLN B 139 23.61 20.08 -13.25
CA GLN B 139 24.39 18.85 -13.18
C GLN B 139 25.08 18.68 -11.84
N SER B 140 25.71 17.53 -11.65
CA SER B 140 26.52 17.25 -10.46
C SER B 140 27.68 18.19 -10.32
N GLY B 141 27.90 18.63 -9.08
CA GLY B 141 28.99 19.54 -8.77
C GLY B 141 28.70 20.99 -9.15
N THR B 142 27.42 21.36 -9.21
CA THR B 142 27.05 22.73 -9.54
C THR B 142 26.91 23.53 -8.25
N GLY B 143 26.55 22.84 -7.15
CA GLY B 143 26.45 23.44 -5.83
C GLY B 143 25.06 23.33 -5.26
N LYS B 144 24.24 22.46 -5.86
CA LYS B 144 22.83 22.27 -5.45
C LYS B 144 22.69 22.01 -3.95
N THR B 145 23.42 20.99 -3.47
CA THR B 145 23.38 20.59 -2.06
C THR B 145 23.71 21.77 -1.17
N ALA B 146 24.86 22.38 -1.43
CA ALA B 146 25.30 23.51 -0.66
C ALA B 146 24.14 24.51 -0.62
N ALA B 147 23.56 24.78 -1.79
CA ALA B 147 22.53 25.80 -1.86
C ALA B 147 21.35 25.47 -0.95
N PHE B 148 20.92 24.22 -0.88
CA PHE B 148 19.71 23.95 -0.11
C PHE B 148 20.02 23.75 1.36
N VAL B 149 21.25 23.38 1.66
CA VAL B 149 21.66 23.30 3.05
C VAL B 149 21.60 24.71 3.67
N LEU B 150 22.09 25.68 2.92
CA LEU B 150 21.97 27.09 3.30
C LEU B 150 20.52 27.42 3.53
N ALA B 151 19.67 26.87 2.66
CA ALA B 151 18.27 27.18 2.73
C ALA B 151 17.69 26.68 4.04
N MET B 152 17.96 25.43 4.37
CA MET B 152 17.41 24.84 5.56
C MET B 152 18.00 25.49 6.83
N LEU B 153 19.32 25.73 6.81
CA LEU B 153 20.02 26.28 7.95
C LEU B 153 19.58 27.72 8.26
N SER B 154 19.20 28.46 7.23
CA SER B 154 18.77 29.81 7.47
C SER B 154 17.34 29.90 8.08
N GLN B 155 16.52 28.87 7.89
CA GLN B 155 15.20 28.81 8.50
C GLN B 155 15.20 28.19 9.87
N VAL B 156 16.18 27.34 10.15
CA VAL B 156 16.18 26.63 11.43
C VAL B 156 16.38 27.54 12.64
N GLU B 157 15.66 27.25 13.71
CA GLU B 157 15.91 27.85 15.02
C GLU B 157 16.28 26.75 16.03
N PRO B 158 17.57 26.61 16.37
CA PRO B 158 18.00 25.53 17.28
C PRO B 158 17.33 25.53 18.64
N ALA B 159 17.00 26.72 19.15
CA ALA B 159 16.19 26.88 20.39
C ALA B 159 15.06 25.89 20.42
N ASN B 160 14.39 25.73 19.28
CA ASN B 160 13.21 24.88 19.21
C ASN B 160 13.54 23.45 18.82
N LYS B 161 13.44 22.59 19.83
CA LYS B 161 13.94 21.22 19.80
C LYS B 161 12.91 20.29 19.17
N TYR B 162 12.77 20.41 17.86
CA TYR B 162 11.90 19.56 17.07
C TYR B 162 12.14 19.89 15.63
N PRO B 163 11.85 18.94 14.72
CA PRO B 163 12.15 19.05 13.31
C PRO B 163 11.51 20.25 12.64
N GLN B 164 12.30 20.98 11.86
CA GLN B 164 11.82 22.17 11.17
C GLN B 164 12.16 22.09 9.68
N CYS B 165 13.16 21.32 9.36
CA CYS B 165 13.54 21.13 7.98
C CYS B 165 13.58 19.67 7.69
N LEU B 166 13.20 19.35 6.48
CA LEU B 166 12.99 17.98 6.11
C LEU B 166 13.58 17.85 4.74
N CYS B 167 14.55 16.97 4.62
CA CYS B 167 15.22 16.73 3.34
C CYS B 167 15.03 15.29 2.92
N LEU B 168 14.55 15.05 1.72
CA LEU B 168 14.44 13.68 1.20
C LEU B 168 15.60 13.35 0.25
N SER B 169 16.25 12.22 0.54
CA SER B 169 17.28 11.67 -0.28
C SER B 169 16.87 10.34 -0.86
N PRO B 170 17.29 10.09 -2.10
CA PRO B 170 16.92 8.87 -2.76
C PRO B 170 17.55 7.61 -2.15
N THR B 171 18.66 7.74 -1.43
CA THR B 171 19.32 6.59 -0.83
C THR B 171 19.85 6.88 0.56
N TYR B 172 20.08 5.79 1.28
CA TYR B 172 20.69 5.80 2.59
C TYR B 172 22.02 6.58 2.54
N GLU B 173 22.78 6.25 1.52
CA GLU B 173 24.17 6.55 1.52
C GLU B 173 24.29 8.05 1.20
N LEU B 174 23.32 8.60 0.46
CA LEU B 174 23.25 10.06 0.23
C LEU B 174 22.63 10.83 1.40
N ALA B 175 21.66 10.21 2.08
CA ALA B 175 21.09 10.78 3.30
C ALA B 175 22.18 11.17 4.27
N LEU B 176 23.21 10.33 4.36
CA LEU B 176 24.33 10.57 5.27
C LEU B 176 25.29 11.62 4.72
N GLN B 177 25.54 11.53 3.42
CA GLN B 177 26.44 12.44 2.74
C GLN B 177 25.97 13.87 2.92
N THR B 178 24.72 14.10 2.59
CA THR B 178 24.08 15.41 2.76
C THR B 178 24.13 15.80 4.23
N GLY B 179 23.84 14.87 5.12
CA GLY B 179 23.93 15.11 6.54
C GLY B 179 25.26 15.72 6.90
N LYS B 180 26.36 15.15 6.40
CA LYS B 180 27.67 15.67 6.77
C LYS B 180 27.79 17.12 6.36
N VAL B 181 27.29 17.44 5.17
CA VAL B 181 27.33 18.80 4.67
C VAL B 181 26.51 19.70 5.57
N ILE B 182 25.36 19.23 6.01
CA ILE B 182 24.56 20.02 6.93
C ILE B 182 25.33 20.28 8.22
N GLU B 183 25.97 19.24 8.75
CA GLU B 183 26.69 19.31 10.03
C GLU B 183 27.87 20.23 9.93
N GLN B 184 28.60 20.14 8.82
CA GLN B 184 29.76 20.98 8.64
C GLN B 184 29.34 22.45 8.51
N MET B 185 28.41 22.75 7.61
CA MET B 185 27.98 24.12 7.43
C MET B 185 27.26 24.68 8.66
N GLY B 186 26.68 23.83 9.49
CA GLY B 186 25.97 24.30 10.69
C GLY B 186 26.79 24.27 11.95
N LYS B 187 28.08 23.98 11.77
CA LYS B 187 29.11 23.96 12.81
C LYS B 187 28.95 25.01 13.91
N PHE B 188 28.46 26.20 13.59
CA PHE B 188 28.46 27.27 14.59
C PHE B 188 27.09 27.55 15.11
N TYR B 189 26.14 26.70 14.74
CA TYR B 189 24.87 26.70 15.42
C TYR B 189 25.04 25.83 16.63
N PRO B 190 24.80 26.39 17.80
CA PRO B 190 24.95 25.67 19.03
C PRO B 190 23.73 24.81 19.22
N GLU B 191 23.98 23.51 19.45
CA GLU B 191 22.93 22.54 19.73
C GLU B 191 22.10 22.13 18.52
N LEU B 192 22.56 22.48 17.34
CA LEU B 192 21.94 21.95 16.13
C LEU B 192 22.17 20.47 16.15
N LYS B 193 21.11 19.69 15.99
CA LYS B 193 21.24 18.24 15.92
C LYS B 193 20.38 17.68 14.79
N LEU B 194 20.86 16.59 14.21
CA LEU B 194 20.24 15.95 13.05
C LEU B 194 19.70 14.59 13.40
N ALA B 195 18.53 14.26 12.84
CA ALA B 195 17.99 12.90 12.89
C ALA B 195 18.12 12.29 11.48
N TYR B 196 18.39 10.98 11.40
CA TYR B 196 18.41 10.29 10.11
C TYR B 196 17.28 9.28 10.05
N ALA B 197 16.27 9.58 9.24
CA ALA B 197 15.09 8.72 9.11
C ALA B 197 15.37 7.81 7.91
N VAL B 198 16.17 6.78 8.18
CA VAL B 198 16.66 5.86 7.17
C VAL B 198 16.62 4.44 7.71
N ARG B 199 16.87 3.51 6.80
CA ARG B 199 16.92 2.09 7.14
C ARG B 199 17.74 1.91 8.41
N GLY B 200 17.16 1.20 9.36
CA GLY B 200 17.94 0.67 10.48
C GLY B 200 18.28 1.65 11.55
N ASN B 201 17.61 2.79 11.58
CA ASN B 201 17.65 3.64 12.76
C ASN B 201 16.98 2.88 13.90
N LYS B 202 17.27 3.27 15.13
CA LYS B 202 16.91 2.43 16.29
C LYS B 202 15.59 2.77 16.98
N LEU B 203 14.92 3.84 16.57
CA LEU B 203 13.91 4.47 17.42
C LEU B 203 12.72 3.60 17.80
N GLU B 204 12.35 3.63 19.09
CA GLU B 204 11.18 2.92 19.60
C GLU B 204 9.92 3.79 19.47
N ARG B 205 8.78 3.15 19.27
CA ARG B 205 7.48 3.83 19.33
C ARG B 205 7.35 4.59 20.65
N GLY B 206 6.55 5.66 20.65
CA GLY B 206 6.40 6.55 21.80
C GLY B 206 7.29 7.78 21.74
N GLN B 207 8.50 7.61 21.25
CA GLN B 207 9.45 8.71 21.14
C GLN B 207 8.96 9.85 20.23
N LYS B 208 9.59 11.00 20.40
CA LYS B 208 9.39 12.15 19.53
C LYS B 208 10.76 12.77 19.32
N ILE B 209 11.07 13.02 18.06
CA ILE B 209 12.35 13.54 17.65
C ILE B 209 12.48 14.97 18.16
N SER B 210 13.62 15.28 18.75
CA SER B 210 13.90 16.66 19.16
C SER B 210 15.00 17.32 18.35
N GLU B 211 15.56 16.59 17.40
CA GLU B 211 16.52 17.13 16.47
C GLU B 211 15.74 18.07 15.57
N GLN B 212 16.40 19.12 15.13
CA GLN B 212 15.73 20.24 14.45
C GLN B 212 15.75 20.08 12.93
N ILE B 213 16.57 19.18 12.42
CA ILE B 213 16.54 18.83 11.01
C ILE B 213 16.47 17.34 10.89
N VAL B 214 15.70 16.84 9.94
CA VAL B 214 15.64 15.43 9.64
C VAL B 214 16.00 15.18 8.18
N ILE B 215 16.85 14.20 7.93
CA ILE B 215 17.13 13.81 6.57
C ILE B 215 16.89 12.33 6.48
N GLY B 216 16.41 11.87 5.33
CA GLY B 216 16.16 10.46 5.17
C GLY B 216 15.52 10.07 3.88
N THR B 217 15.23 8.79 3.73
CA THR B 217 14.58 8.28 2.52
C THR B 217 13.03 8.29 2.72
N PRO B 218 12.28 8.50 1.62
CA PRO B 218 10.90 8.90 1.69
C PRO B 218 10.01 7.98 2.50
N GLY B 219 10.27 6.70 2.43
CA GLY B 219 9.38 5.74 3.09
C GLY B 219 9.41 5.86 4.60
N THR B 220 10.63 5.89 5.12
CA THR B 220 10.86 6.01 6.54
C THR B 220 10.46 7.39 6.97
N VAL B 221 10.71 8.40 6.14
CA VAL B 221 10.33 9.73 6.54
C VAL B 221 8.79 9.75 6.70
N LEU B 222 8.09 9.15 5.76
CA LEU B 222 6.65 9.16 5.76
C LEU B 222 6.13 8.50 7.03
N ASP B 223 6.75 7.39 7.40
CA ASP B 223 6.39 6.67 8.63
C ASP B 223 6.51 7.56 9.85
N TRP B 224 7.62 8.28 9.92
CA TRP B 224 7.88 9.15 11.04
C TRP B 224 6.83 10.24 11.13
N CYS B 225 6.38 10.76 9.98
CA CYS B 225 5.32 11.77 9.96
C CYS B 225 3.90 11.30 10.20
N SER B 226 3.67 10.01 10.20
CA SER B 226 2.30 9.49 10.07
C SER B 226 2.06 8.36 11.09
N LYS B 227 2.09 7.12 10.62
CA LYS B 227 2.20 5.90 11.43
C LYS B 227 2.76 6.15 12.84
N LEU B 228 4.04 6.50 12.91
CA LEU B 228 4.83 6.42 14.13
C LEU B 228 4.74 7.65 15.00
N LYS B 229 4.24 8.75 14.45
CA LYS B 229 4.01 9.97 15.22
C LYS B 229 5.31 10.60 15.78
N PHE B 230 6.42 10.35 15.09
CA PHE B 230 7.72 10.83 15.51
C PHE B 230 7.92 12.32 15.22
N ILE B 231 7.38 12.77 14.09
CA ILE B 231 7.48 14.15 13.63
C ILE B 231 6.09 14.71 13.39
N ASP B 232 5.85 15.93 13.84
CA ASP B 232 4.65 16.67 13.46
C ASP B 232 4.97 17.48 12.19
N PRO B 233 4.41 17.07 11.05
CA PRO B 233 4.81 17.68 9.79
C PRO B 233 4.27 19.09 9.63
N LYS B 234 3.24 19.43 10.40
CA LYS B 234 2.65 20.78 10.38
C LYS B 234 3.59 21.84 10.93
N LYS B 235 4.76 21.42 11.38
CA LYS B 235 5.72 22.34 11.94
C LYS B 235 6.93 22.58 11.07
N ILE B 236 7.02 21.88 9.93
CA ILE B 236 8.18 22.00 9.05
C ILE B 236 8.09 23.29 8.26
N LYS B 237 9.21 24.03 8.24
CA LYS B 237 9.35 25.24 7.46
C LYS B 237 10.00 25.08 6.08
N VAL B 238 10.91 24.11 5.95
CA VAL B 238 11.54 23.86 4.65
C VAL B 238 11.49 22.39 4.35
N PHE B 239 11.06 22.09 3.13
CA PHE B 239 11.04 20.73 2.60
C PHE B 239 11.94 20.66 1.32
N VAL B 240 12.94 19.78 1.33
CA VAL B 240 13.79 19.59 0.13
C VAL B 240 13.64 18.18 -0.44
N LEU B 241 13.60 18.08 -1.78
CA LEU B 241 13.68 16.83 -2.50
C LEU B 241 14.88 16.84 -3.37
N ASP B 242 15.90 16.09 -2.95
CA ASP B 242 17.15 16.02 -3.69
C ASP B 242 17.03 14.93 -4.75
N GLU B 243 17.53 15.21 -5.95
CA GLU B 243 17.66 14.22 -7.02
C GLU B 243 16.35 13.59 -7.48
N ALA B 244 15.33 14.43 -7.61
CA ALA B 244 14.05 14.03 -8.18
C ALA B 244 14.15 12.88 -9.22
N ASP B 245 15.01 13.01 -10.23
CA ASP B 245 15.05 11.99 -11.30
C ASP B 245 15.35 10.61 -10.72
N VAL B 246 16.34 10.53 -9.84
CA VAL B 246 16.65 9.27 -9.15
C VAL B 246 15.51 8.85 -8.23
N MET B 247 14.97 9.81 -7.49
CA MET B 247 13.83 9.56 -6.60
C MET B 247 12.74 8.78 -7.29
N ILE B 248 12.17 9.36 -8.35
CA ILE B 248 11.04 8.81 -9.11
C ILE B 248 11.33 7.41 -9.65
N ALA B 249 12.56 7.20 -10.12
CA ALA B 249 12.99 5.92 -10.70
C ALA B 249 12.98 4.79 -9.67
N THR B 250 13.02 5.12 -8.38
CA THR B 250 12.99 4.12 -7.29
C THR B 250 11.57 3.76 -6.88
N GLN B 251 11.29 2.46 -6.81
CA GLN B 251 10.02 1.95 -6.35
C GLN B 251 9.60 2.69 -5.10
N GLY B 252 8.34 3.15 -5.11
CA GLY B 252 7.68 3.68 -3.94
C GLY B 252 7.85 5.16 -3.67
N HIS B 253 8.98 5.67 -4.12
CA HIS B 253 9.45 7.00 -3.69
C HIS B 253 8.59 8.17 -4.14
N GLN B 254 8.02 8.06 -5.32
CA GLN B 254 7.22 9.16 -5.84
C GLN B 254 5.99 9.37 -4.94
N ASP B 255 5.25 8.29 -4.73
CA ASP B 255 4.00 8.31 -3.98
C ASP B 255 4.26 8.65 -2.52
N GLN B 256 5.39 8.16 -2.04
CA GLN B 256 5.78 8.38 -0.67
C GLN B 256 5.98 9.87 -0.41
N SER B 257 6.72 10.48 -1.33
CA SER B 257 7.02 11.91 -1.27
C SER B 257 5.78 12.75 -1.43
N ILE B 258 4.89 12.36 -2.31
CA ILE B 258 3.67 13.10 -2.51
C ILE B 258 2.87 13.08 -1.22
N ARG B 259 2.96 11.95 -0.51
CA ARG B 259 2.17 11.73 0.69
C ARG B 259 2.68 12.55 1.85
N ILE B 260 3.99 12.77 1.84
CA ILE B 260 4.65 13.57 2.89
C ILE B 260 4.26 15.00 2.68
N GLN B 261 4.50 15.39 1.44
CA GLN B 261 4.30 16.75 0.99
C GLN B 261 2.92 17.25 1.30
N ARG B 262 1.90 16.43 1.08
CA ARG B 262 0.53 16.88 1.20
C ARG B 262 0.17 17.26 2.64
N MET B 263 0.94 16.79 3.61
CA MET B 263 0.61 17.05 4.99
C MET B 263 1.47 18.16 5.61
N LEU B 264 2.31 18.79 4.79
CA LEU B 264 3.08 19.97 5.18
C LEU B 264 2.18 21.23 5.11
N PRO B 265 2.47 22.25 5.94
CA PRO B 265 1.59 23.43 5.91
C PRO B 265 1.75 24.27 4.63
N ARG B 266 0.74 25.08 4.34
CA ARG B 266 0.72 25.89 3.11
C ARG B 266 1.96 26.72 3.01
N ASN B 267 2.27 27.42 4.09
CA ASN B 267 3.45 28.27 4.09
C ASN B 267 4.80 27.55 4.14
N CYS B 268 4.87 26.23 4.05
CA CYS B 268 6.18 25.58 4.02
C CYS B 268 6.90 25.96 2.74
N GLN B 269 8.19 26.26 2.83
CA GLN B 269 9.02 26.43 1.65
C GLN B 269 9.31 25.06 1.03
N MET B 270 9.04 24.90 -0.26
CA MET B 270 9.37 23.65 -0.99
C MET B 270 10.44 23.87 -2.04
N LEU B 271 11.37 22.94 -2.09
CA LEU B 271 12.49 23.04 -2.98
C LEU B 271 12.76 21.69 -3.59
N LEU B 272 13.01 21.65 -4.89
CA LEU B 272 13.25 20.39 -5.56
C LEU B 272 14.43 20.53 -6.52
N PHE B 273 15.30 19.51 -6.55
CA PHE B 273 16.56 19.54 -7.30
C PHE B 273 16.73 18.27 -8.13
N SER B 274 17.11 18.39 -9.38
CA SER B 274 17.39 17.20 -10.17
C SER B 274 18.48 17.47 -11.19
N ALA B 275 19.16 16.43 -11.62
CA ALA B 275 20.21 16.60 -12.63
C ALA B 275 19.55 16.59 -13.99
N THR B 276 18.70 15.59 -14.20
CA THR B 276 17.91 15.45 -15.41
C THR B 276 16.58 16.09 -15.20
N PHE B 277 15.75 16.08 -16.25
CA PHE B 277 14.46 16.73 -16.18
C PHE B 277 13.47 16.36 -17.30
N GLU B 278 13.25 15.07 -17.51
CA GLU B 278 12.24 14.61 -18.46
C GLU B 278 10.81 14.81 -17.94
N ASP B 279 9.81 14.47 -18.76
CA ASP B 279 8.44 14.96 -18.51
C ASP B 279 7.84 14.35 -17.25
N SER B 280 8.16 13.08 -17.00
CA SER B 280 7.78 12.42 -15.76
C SER B 280 8.25 13.25 -14.55
N VAL B 281 9.48 13.75 -14.64
CA VAL B 281 10.13 14.43 -13.52
C VAL B 281 9.58 15.83 -13.36
N TRP B 282 9.32 16.47 -14.49
CA TRP B 282 8.69 17.77 -14.51
C TRP B 282 7.27 17.74 -13.95
N LYS B 283 6.48 16.79 -14.40
CA LYS B 283 5.12 16.66 -13.95
C LYS B 283 5.10 16.34 -12.46
N PHE B 284 6.04 15.51 -12.01
CA PHE B 284 6.17 15.23 -10.58
C PHE B 284 6.45 16.53 -9.80
N ALA B 285 7.44 17.26 -10.30
CA ALA B 285 7.90 18.51 -9.71
C ALA B 285 6.72 19.43 -9.53
N GLN B 286 5.85 19.51 -10.53
CA GLN B 286 4.67 20.36 -10.43
C GLN B 286 3.73 19.94 -9.33
N LYS B 287 3.54 18.64 -9.09
CA LYS B 287 2.68 18.21 -8.01
C LYS B 287 3.26 18.60 -6.65
N VAL B 288 4.58 18.71 -6.57
CA VAL B 288 5.28 18.80 -5.29
C VAL B 288 5.68 20.24 -4.86
N VAL B 289 5.97 21.11 -5.83
CA VAL B 289 6.42 22.47 -5.58
C VAL B 289 5.36 23.39 -6.17
N PRO B 290 4.40 23.83 -5.35
CA PRO B 290 3.49 24.84 -5.87
C PRO B 290 4.15 26.20 -6.07
N ASP B 291 3.67 26.96 -7.05
CA ASP B 291 4.08 28.34 -7.30
C ASP B 291 5.58 28.50 -7.42
N PRO B 292 6.18 27.70 -8.28
CA PRO B 292 7.62 27.66 -8.29
C PRO B 292 8.26 28.73 -9.13
N ASN B 293 9.46 29.13 -8.71
CA ASN B 293 10.47 29.64 -9.62
C ASN B 293 11.08 28.43 -10.25
N VAL B 294 11.33 28.45 -11.55
CA VAL B 294 12.06 27.34 -12.14
C VAL B 294 13.40 27.79 -12.68
N ILE B 295 14.45 27.04 -12.37
CA ILE B 295 15.78 27.29 -12.92
C ILE B 295 16.36 26.09 -13.65
N LYS B 296 16.88 26.33 -14.86
CA LYS B 296 17.62 25.29 -15.59
C LYS B 296 19.00 25.80 -15.92
N LEU B 297 19.99 24.92 -15.88
CA LEU B 297 21.32 25.22 -16.40
C LEU B 297 21.70 24.07 -17.29
N LYS B 298 21.88 24.36 -18.57
CA LYS B 298 22.22 23.35 -19.59
C LYS B 298 23.52 22.67 -19.24
N ARG B 299 23.54 21.35 -19.35
CA ARG B 299 24.71 20.55 -19.02
C ARG B 299 25.92 20.93 -19.88
N GLU B 300 27.10 20.79 -19.29
CA GLU B 300 28.36 20.88 -20.01
C GLU B 300 29.32 19.82 -19.43
#